data_5DTQ
#
_entry.id   5DTQ
#
_cell.length_a   158.651
_cell.length_b   158.651
_cell.length_c   74.179
_cell.angle_alpha   90.00
_cell.angle_beta   90.00
_cell.angle_gamma   120.00
#
_symmetry.space_group_name_H-M   'P 63'
#
loop_
_entity.id
_entity.type
_entity.pdbx_description
1 polymer 'Histone-lysine N-methyltransferase, H3 lysine-79 specific'
2 non-polymer (2,6-dichlorophenyl)(quinolin-6-yl)methanone
3 water water
#
_entity_poly.entity_id   1
_entity_poly.type   'polypeptide(L)'
_entity_poly.pdbx_seq_one_letter_code
;GPGEKLELRLKSPVGAEPAVYPWPLPVYDKHHDAAHEIIETIRWVCEEIPDLKLAMENYVLIDYDTKSFESMQRLCDKYN
RAIDSIHQLWKGTTQPMKLNTRPSTGLLRHILQQVYNHSVTDPEKLNNYEPFSPEVYGETSFDLVAQMIDEIKMTDDDLF
VDLGSGVGQVVLQVAAATNCKHHYGVEKADIPAKYAETMDREFRKWMKWYGKKHAEYTLERGDFLSEEWRERIANTSVIF
VNNFAFGPEVDHQLKERFANMKEGGRIVSSKPFAPLNFRINSRNLSDIGTIMRVVELSPLKGSVSWTGKPVSYYLHTIDR
TILENYFSSLKNPG
;
_entity_poly.pdbx_strand_id   A,B
#
# COMPACT_ATOMS: atom_id res chain seq x y z
N LEU A 6 19.07 -27.16 12.01
CA LEU A 6 17.73 -26.85 11.48
C LEU A 6 17.69 -25.53 10.67
N GLU A 7 17.46 -25.64 9.34
CA GLU A 7 17.46 -24.52 8.40
C GLU A 7 16.66 -24.80 7.12
N LEU A 8 16.32 -23.72 6.38
CA LEU A 8 15.61 -23.78 5.10
C LEU A 8 16.48 -23.10 4.05
N ARG A 9 16.65 -23.75 2.88
CA ARG A 9 17.46 -23.21 1.78
C ARG A 9 16.66 -22.98 0.51
N LEU A 10 16.83 -21.78 -0.09
CA LEU A 10 16.19 -21.41 -1.35
C LEU A 10 17.26 -21.19 -2.41
N LYS A 11 17.26 -22.03 -3.46
CA LYS A 11 18.22 -21.95 -4.55
C LYS A 11 17.95 -20.70 -5.39
N SER A 12 19.02 -20.00 -5.79
CA SER A 12 18.89 -18.82 -6.64
C SER A 12 18.43 -19.16 -8.09
N PRO A 13 17.51 -18.38 -8.73
CA PRO A 13 17.17 -18.69 -10.13
C PRO A 13 18.35 -18.47 -11.10
N VAL A 14 19.41 -17.79 -10.64
CA VAL A 14 20.59 -17.49 -11.48
C VAL A 14 21.87 -18.19 -11.00
N GLY A 15 21.76 -19.14 -10.08
CA GLY A 15 22.92 -19.88 -9.59
C GLY A 15 23.82 -19.15 -8.64
N ALA A 16 23.29 -18.12 -7.95
CA ALA A 16 24.03 -17.39 -6.92
C ALA A 16 24.04 -18.26 -5.66
N GLU A 17 24.68 -17.80 -4.58
CA GLU A 17 24.71 -18.56 -3.32
C GLU A 17 23.26 -18.69 -2.79
N PRO A 18 22.85 -19.87 -2.27
CA PRO A 18 21.46 -20.02 -1.80
C PRO A 18 21.06 -19.15 -0.62
N ALA A 19 19.77 -18.81 -0.52
CA ALA A 19 19.24 -18.06 0.61
C ALA A 19 19.05 -19.09 1.73
N VAL A 20 19.69 -18.87 2.88
CA VAL A 20 19.65 -19.79 4.03
C VAL A 20 18.95 -19.14 5.22
N TYR A 21 17.87 -19.74 5.67
CA TYR A 21 17.07 -19.23 6.78
C TYR A 21 17.18 -20.17 7.96
N PRO A 22 17.37 -19.69 9.19
CA PRO A 22 17.41 -20.64 10.32
C PRO A 22 16.01 -21.03 10.73
N TRP A 23 15.86 -22.16 11.40
CA TRP A 23 14.58 -22.60 11.94
C TRP A 23 14.77 -22.70 13.46
N PRO A 24 13.88 -22.13 14.32
CA PRO A 24 12.63 -21.38 14.01
C PRO A 24 12.86 -20.16 13.17
N LEU A 25 11.94 -19.87 12.23
CA LEU A 25 12.09 -18.71 11.35
C LEU A 25 11.93 -17.39 12.09
N PRO A 26 12.72 -16.36 11.73
CA PRO A 26 12.54 -15.05 12.38
C PRO A 26 11.17 -14.43 12.14
N VAL A 27 10.72 -13.66 13.12
CA VAL A 27 9.46 -12.91 13.06
C VAL A 27 9.86 -11.45 12.91
N TYR A 28 9.16 -10.74 12.04
CA TYR A 28 9.43 -9.34 11.77
C TYR A 28 8.49 -8.43 12.56
N ASP A 29 7.19 -8.78 12.64
CA ASP A 29 6.13 -8.13 13.41
C ASP A 29 4.95 -9.10 13.64
N LYS A 30 3.83 -8.61 14.26
CA LYS A 30 2.65 -9.42 14.61
C LYS A 30 2.00 -10.19 13.41
N HIS A 31 2.07 -9.63 12.18
CA HIS A 31 1.47 -10.22 10.97
C HIS A 31 2.47 -10.56 9.84
N HIS A 32 3.76 -10.23 10.05
CA HIS A 32 4.86 -10.42 9.09
C HIS A 32 6.03 -11.26 9.67
N ASP A 33 6.40 -12.35 8.96
CA ASP A 33 7.50 -13.23 9.35
C ASP A 33 8.29 -13.75 8.14
N ALA A 34 9.41 -14.47 8.39
CA ALA A 34 10.25 -14.97 7.32
C ALA A 34 9.60 -16.05 6.48
N ALA A 35 8.57 -16.76 7.01
CA ALA A 35 7.85 -17.79 6.27
C ALA A 35 7.09 -17.18 5.12
N HIS A 36 6.43 -16.02 5.34
CA HIS A 36 5.69 -15.30 4.30
C HIS A 36 6.62 -14.72 3.29
N GLU A 37 7.83 -14.35 3.71
CA GLU A 37 8.87 -13.87 2.82
C GLU A 37 9.31 -15.00 1.90
N ILE A 38 9.46 -16.24 2.43
CA ILE A 38 9.87 -17.43 1.66
C ILE A 38 8.81 -17.71 0.60
N ILE A 39 7.53 -17.72 1.00
CA ILE A 39 6.40 -17.96 0.10
C ILE A 39 6.30 -16.90 -0.99
N GLU A 40 6.49 -15.64 -0.63
CA GLU A 40 6.42 -14.54 -1.58
C GLU A 40 7.62 -14.47 -2.51
N THR A 41 8.80 -14.94 -2.05
CA THR A 41 10.02 -15.00 -2.88
C THR A 41 9.82 -16.07 -3.98
N ILE A 42 9.34 -17.28 -3.60
CA ILE A 42 9.08 -18.39 -4.53
C ILE A 42 8.08 -17.94 -5.60
N ARG A 43 7.00 -17.25 -5.16
CA ARG A 43 5.95 -16.75 -6.02
C ARG A 43 6.46 -15.74 -7.00
N TRP A 44 7.30 -14.78 -6.54
CA TRP A 44 7.90 -13.76 -7.39
C TRP A 44 8.85 -14.40 -8.41
N VAL A 45 9.73 -15.35 -7.99
CA VAL A 45 10.63 -16.09 -8.90
C VAL A 45 9.81 -16.81 -10.03
N CYS A 46 8.72 -17.50 -9.66
CA CYS A 46 7.81 -18.19 -10.58
C CYS A 46 7.05 -17.24 -11.49
N GLU A 47 6.86 -16.02 -11.05
CA GLU A 47 6.18 -15.05 -11.89
C GLU A 47 7.10 -14.58 -13.01
N GLU A 48 8.35 -14.27 -12.64
CA GLU A 48 9.35 -13.75 -13.55
C GLU A 48 9.93 -14.86 -14.45
N ILE A 49 9.96 -16.14 -13.99
CA ILE A 49 10.41 -17.27 -14.83
C ILE A 49 9.22 -18.18 -15.17
N PRO A 50 8.62 -18.03 -16.36
CA PRO A 50 7.48 -18.90 -16.75
C PRO A 50 7.72 -20.41 -16.73
N ASP A 51 8.90 -20.89 -17.20
CA ASP A 51 9.26 -22.33 -17.22
C ASP A 51 9.14 -22.95 -15.82
N LEU A 52 9.55 -22.19 -14.78
CA LEU A 52 9.55 -22.58 -13.38
C LEU A 52 8.16 -22.93 -12.85
N LYS A 53 7.13 -22.14 -13.26
CA LYS A 53 5.72 -22.31 -12.88
C LYS A 53 5.21 -23.67 -13.38
N LEU A 54 5.59 -24.04 -14.62
CA LEU A 54 5.24 -25.31 -15.24
C LEU A 54 5.83 -26.45 -14.44
N ALA A 55 7.15 -26.38 -14.16
CA ALA A 55 7.92 -27.38 -13.42
C ALA A 55 7.40 -27.65 -12.02
N MET A 56 6.93 -26.59 -11.34
CA MET A 56 6.46 -26.70 -9.97
C MET A 56 5.00 -27.12 -9.84
N GLU A 57 4.73 -28.16 -9.01
CA GLU A 57 3.40 -28.72 -8.71
C GLU A 57 2.46 -27.64 -8.19
N ASN A 58 1.18 -27.69 -8.60
CA ASN A 58 0.15 -26.70 -8.27
C ASN A 58 -0.07 -26.47 -6.75
N TYR A 59 -0.48 -27.52 -6.02
CA TYR A 59 -0.84 -27.54 -4.60
C TYR A 59 0.17 -26.93 -3.63
N VAL A 60 1.49 -27.10 -3.92
CA VAL A 60 2.63 -26.70 -3.09
C VAL A 60 2.49 -25.30 -2.44
N LEU A 61 1.99 -24.33 -3.19
CA LEU A 61 1.87 -22.96 -2.73
C LEU A 61 0.48 -22.60 -2.15
N ILE A 62 -0.46 -23.56 -2.15
CA ILE A 62 -1.81 -23.43 -1.60
C ILE A 62 -1.79 -24.06 -0.19
N ASP A 63 -1.41 -25.36 -0.12
CA ASP A 63 -1.37 -26.11 1.13
C ASP A 63 0.01 -26.18 1.78
N TYR A 64 0.28 -25.23 2.69
CA TYR A 64 1.51 -25.12 3.47
C TYR A 64 1.15 -24.76 4.92
N ASP A 65 2.00 -25.14 5.87
CA ASP A 65 1.82 -24.80 7.27
C ASP A 65 3.09 -24.07 7.67
N THR A 66 3.00 -22.74 7.84
CA THR A 66 4.15 -21.90 8.20
C THR A 66 4.77 -22.25 9.54
N LYS A 67 4.00 -22.96 10.36
CA LYS A 67 4.38 -23.37 11.70
C LYS A 67 4.84 -24.82 11.75
N SER A 68 5.13 -25.41 10.58
CA SER A 68 5.60 -26.80 10.46
C SER A 68 6.91 -26.81 9.71
N PHE A 69 7.97 -27.33 10.37
CA PHE A 69 9.29 -27.39 9.73
C PHE A 69 9.22 -28.24 8.48
N GLU A 70 8.62 -29.43 8.60
CA GLU A 70 8.48 -30.39 7.52
C GLU A 70 7.68 -29.82 6.35
N SER A 71 6.66 -28.98 6.65
CA SER A 71 5.79 -28.37 5.65
C SER A 71 6.50 -27.32 4.85
N MET A 72 7.31 -26.50 5.54
CA MET A 72 8.10 -25.41 4.98
C MET A 72 9.25 -25.99 4.16
N GLN A 73 9.81 -27.11 4.65
CA GLN A 73 10.89 -27.81 3.99
C GLN A 73 10.40 -28.48 2.71
N ARG A 74 9.13 -28.94 2.69
CA ARG A 74 8.48 -29.57 1.54
C ARG A 74 8.34 -28.49 0.47
N LEU A 75 7.87 -27.31 0.90
CA LEU A 75 7.68 -26.11 0.08
C LEU A 75 9.01 -25.66 -0.51
N CYS A 76 10.09 -25.68 0.29
CA CYS A 76 11.43 -25.28 -0.16
C CYS A 76 12.03 -26.27 -1.13
N ASP A 77 11.89 -27.58 -0.87
CA ASP A 77 12.39 -28.69 -1.72
C ASP A 77 11.69 -28.72 -3.08
N LYS A 78 10.35 -28.53 -3.09
CA LYS A 78 9.55 -28.50 -4.33
C LYS A 78 10.04 -27.39 -5.28
N TYR A 79 10.36 -26.20 -4.73
CA TYR A 79 10.89 -25.05 -5.46
C TYR A 79 12.32 -25.35 -5.98
N ASN A 80 13.18 -25.89 -5.11
CA ASN A 80 14.56 -26.21 -5.43
C ASN A 80 14.68 -27.20 -6.55
N ARG A 81 13.84 -28.23 -6.52
CA ARG A 81 13.79 -29.26 -7.56
C ARG A 81 13.39 -28.62 -8.89
N ALA A 82 12.40 -27.74 -8.85
CA ALA A 82 11.95 -27.04 -10.04
C ALA A 82 13.07 -26.12 -10.56
N ILE A 83 13.87 -25.48 -9.64
CA ILE A 83 15.03 -24.67 -10.02
C ILE A 83 16.04 -25.52 -10.75
N ASP A 84 16.29 -26.74 -10.22
CA ASP A 84 17.19 -27.73 -10.80
C ASP A 84 16.73 -28.21 -12.19
N SER A 85 15.40 -28.49 -12.37
CA SER A 85 14.82 -28.91 -13.65
C SER A 85 14.98 -27.83 -14.72
N ILE A 86 14.80 -26.57 -14.33
CA ILE A 86 14.92 -25.43 -15.22
C ILE A 86 16.40 -25.20 -15.58
N HIS A 87 17.32 -25.36 -14.60
CA HIS A 87 18.77 -25.22 -14.84
C HIS A 87 19.28 -26.33 -15.79
N GLN A 88 18.63 -27.53 -15.80
CA GLN A 88 18.96 -28.64 -16.73
C GLN A 88 18.44 -28.32 -18.15
N LEU A 89 17.31 -27.61 -18.25
CA LEU A 89 16.68 -27.19 -19.51
C LEU A 89 17.52 -26.10 -20.21
N TRP A 90 18.11 -25.20 -19.43
CA TRP A 90 18.95 -24.13 -19.92
C TRP A 90 20.35 -24.63 -20.28
N LYS A 91 20.72 -25.85 -19.81
CA LYS A 91 21.99 -26.52 -20.10
C LYS A 91 21.98 -27.00 -21.55
N GLY A 92 20.79 -27.39 -22.04
CA GLY A 92 20.51 -27.80 -23.40
C GLY A 92 20.29 -26.65 -24.38
N THR A 93 20.96 -25.48 -24.11
CA THR A 93 20.98 -24.22 -24.88
C THR A 93 19.58 -23.68 -25.19
N ASN A 100 21.33 -10.00 -16.65
CA ASN A 100 20.79 -9.29 -15.49
C ASN A 100 20.05 -7.98 -15.89
N THR A 101 18.71 -7.96 -15.69
CA THR A 101 17.84 -6.81 -16.02
C THR A 101 17.51 -6.01 -14.74
N ARG A 102 16.75 -4.89 -14.84
CA ARG A 102 16.34 -4.11 -13.67
C ARG A 102 15.13 -4.81 -13.08
N PRO A 103 14.93 -4.81 -11.75
CA PRO A 103 13.75 -5.48 -11.22
C PRO A 103 12.47 -4.75 -11.62
N SER A 104 11.36 -5.50 -11.70
CA SER A 104 10.07 -4.90 -11.97
C SER A 104 9.75 -4.07 -10.69
N THR A 105 8.71 -3.22 -10.72
CA THR A 105 8.33 -2.42 -9.55
C THR A 105 7.87 -3.34 -8.39
N GLY A 106 7.04 -4.31 -8.75
CA GLY A 106 6.51 -5.32 -7.85
C GLY A 106 7.62 -6.07 -7.14
N LEU A 107 8.56 -6.61 -7.92
CA LEU A 107 9.68 -7.34 -7.34
C LEU A 107 10.55 -6.43 -6.44
N LEU A 108 10.82 -5.19 -6.87
CA LEU A 108 11.59 -4.22 -6.12
C LEU A 108 10.93 -3.93 -4.77
N ARG A 109 9.61 -3.72 -4.73
CA ARG A 109 8.89 -3.54 -3.47
C ARG A 109 9.20 -4.71 -2.53
N HIS A 110 9.16 -5.95 -3.05
CA HIS A 110 9.48 -7.19 -2.32
C HIS A 110 10.93 -7.20 -1.82
N ILE A 111 11.91 -6.88 -2.72
CA ILE A 111 13.35 -6.87 -2.41
C ILE A 111 13.67 -5.85 -1.30
N LEU A 112 13.16 -4.63 -1.43
CA LEU A 112 13.39 -3.57 -0.43
C LEU A 112 12.86 -3.94 0.95
N GLN A 113 11.66 -4.57 0.98
CA GLN A 113 11.04 -5.04 2.21
C GLN A 113 11.87 -6.19 2.81
N GLN A 114 12.34 -7.11 1.95
CA GLN A 114 13.19 -8.26 2.30
C GLN A 114 14.53 -7.79 2.90
N VAL A 115 15.19 -6.82 2.22
CA VAL A 115 16.47 -6.22 2.62
C VAL A 115 16.29 -5.55 3.99
N TYR A 116 15.20 -4.78 4.18
CA TYR A 116 14.90 -4.14 5.46
C TYR A 116 14.69 -5.19 6.58
N ASN A 117 13.93 -6.25 6.29
CA ASN A 117 13.59 -7.32 7.23
C ASN A 117 14.82 -8.02 7.77
N HIS A 118 15.82 -8.23 6.91
CA HIS A 118 17.09 -8.88 7.24
C HIS A 118 18.10 -7.92 7.86
N SER A 119 17.90 -6.61 7.69
CA SER A 119 18.84 -5.61 8.18
C SER A 119 18.43 -4.91 9.46
N VAL A 120 17.20 -4.39 9.50
CA VAL A 120 16.70 -3.66 10.67
C VAL A 120 15.97 -4.65 11.60
N THR A 121 16.79 -5.40 12.33
CA THR A 121 16.41 -6.47 13.24
C THR A 121 15.73 -5.96 14.53
N ASP A 122 16.06 -4.72 14.96
CA ASP A 122 15.47 -4.11 16.15
C ASP A 122 15.00 -2.70 15.79
N PRO A 123 13.78 -2.54 15.22
CA PRO A 123 13.33 -1.19 14.79
C PRO A 123 13.03 -0.21 15.93
N GLU A 124 12.94 -0.72 17.18
CA GLU A 124 12.73 0.06 18.40
C GLU A 124 13.88 1.07 18.54
N LYS A 125 15.11 0.63 18.16
CA LYS A 125 16.38 1.37 18.18
C LYS A 125 16.39 2.61 17.28
N LEU A 126 15.46 2.72 16.31
CA LEU A 126 15.40 3.87 15.40
C LEU A 126 14.89 5.16 16.03
N ASN A 127 13.94 5.05 17.00
CA ASN A 127 13.30 6.19 17.70
C ASN A 127 12.75 7.20 16.69
N ASN A 128 11.95 6.67 15.74
CA ASN A 128 11.33 7.41 14.65
C ASN A 128 9.82 7.19 14.72
N TYR A 129 9.08 8.29 14.99
CA TYR A 129 7.62 8.30 15.11
C TYR A 129 6.98 9.08 13.94
N GLU A 130 7.83 9.56 13.02
CA GLU A 130 7.46 10.31 11.82
C GLU A 130 6.59 9.46 10.85
N PRO A 131 5.67 10.09 10.07
CA PRO A 131 4.81 9.30 9.17
C PRO A 131 5.55 8.74 7.94
N PHE A 132 6.70 9.32 7.57
CA PHE A 132 7.50 8.85 6.44
C PHE A 132 8.87 8.30 6.91
N SER A 133 8.83 7.47 7.98
CA SER A 133 9.97 6.84 8.61
C SER A 133 10.32 5.47 7.93
N PRO A 134 11.53 4.87 8.18
CA PRO A 134 11.86 3.57 7.56
C PRO A 134 10.92 2.40 7.85
N GLU A 135 10.34 2.36 9.05
CA GLU A 135 9.43 1.30 9.49
C GLU A 135 8.15 1.18 8.66
N VAL A 136 7.73 2.28 7.99
CA VAL A 136 6.51 2.37 7.18
C VAL A 136 6.81 2.70 5.69
N TYR A 137 8.04 2.44 5.21
CA TYR A 137 8.51 2.75 3.85
C TYR A 137 7.65 2.16 2.72
N GLY A 138 7.27 0.89 2.84
CA GLY A 138 6.48 0.22 1.83
C GLY A 138 5.08 0.77 1.68
N GLU A 139 4.55 1.45 2.73
CA GLU A 139 3.22 2.05 2.76
C GLU A 139 2.99 3.16 1.66
N THR A 140 3.66 4.33 1.78
CA THR A 140 3.43 5.41 0.81
C THR A 140 4.70 5.80 0.11
N SER A 141 5.84 5.79 0.85
CA SER A 141 7.15 6.17 0.33
C SER A 141 7.55 5.42 -0.91
N PHE A 142 7.46 4.08 -0.92
CA PHE A 142 7.84 3.29 -2.09
C PHE A 142 7.13 3.82 -3.34
N ASP A 143 5.82 3.92 -3.28
CA ASP A 143 4.97 4.40 -4.35
C ASP A 143 5.24 5.84 -4.75
N LEU A 144 5.46 6.74 -3.75
CA LEU A 144 5.78 8.15 -3.99
C LEU A 144 7.13 8.29 -4.64
N VAL A 145 8.20 7.59 -4.14
CA VAL A 145 9.52 7.57 -4.75
C VAL A 145 9.40 7.02 -6.22
N ALA A 146 8.60 5.98 -6.44
CA ALA A 146 8.37 5.41 -7.77
C ALA A 146 7.76 6.45 -8.72
N GLN A 147 6.77 7.23 -8.25
CA GLN A 147 6.12 8.33 -8.97
C GLN A 147 7.16 9.41 -9.33
N MET A 148 8.04 9.74 -8.36
CA MET A 148 9.14 10.69 -8.57
C MET A 148 10.16 10.21 -9.63
N ILE A 149 10.62 8.95 -9.54
CA ILE A 149 11.53 8.37 -10.52
C ILE A 149 10.95 8.57 -11.95
N ASP A 150 9.64 8.33 -12.15
CA ASP A 150 8.99 8.52 -13.45
C ASP A 150 8.87 9.98 -13.88
N GLU A 151 8.87 10.91 -12.92
CA GLU A 151 8.71 12.35 -13.14
C GLU A 151 10.03 13.09 -13.42
N ILE A 152 11.14 12.72 -12.74
CA ILE A 152 12.40 13.43 -12.91
C ILE A 152 13.22 12.87 -14.06
N LYS A 153 13.07 11.59 -14.39
CA LYS A 153 13.73 11.02 -15.60
C LYS A 153 15.24 11.32 -15.68
N MET A 154 16.00 10.69 -14.80
CA MET A 154 17.45 10.86 -14.75
C MET A 154 18.17 10.07 -15.83
N THR A 155 19.36 10.53 -16.19
CA THR A 155 20.23 9.92 -17.19
C THR A 155 21.59 9.64 -16.54
N ASP A 156 22.51 9.04 -17.31
CA ASP A 156 23.87 8.68 -16.90
C ASP A 156 24.71 9.90 -16.56
N ASP A 157 24.23 11.11 -16.91
CA ASP A 157 24.92 12.35 -16.58
C ASP A 157 24.57 12.86 -15.20
N ASP A 158 23.55 12.27 -14.60
CA ASP A 158 23.07 12.68 -13.29
C ASP A 158 23.81 11.99 -12.15
N LEU A 159 23.87 12.68 -11.00
CA LEU A 159 24.39 12.24 -9.72
C LEU A 159 23.25 12.55 -8.76
N PHE A 160 22.78 11.54 -8.03
CA PHE A 160 21.66 11.65 -7.11
C PHE A 160 22.13 11.57 -5.64
N VAL A 161 21.69 12.52 -4.80
CA VAL A 161 22.05 12.53 -3.37
C VAL A 161 20.82 12.63 -2.51
N ASP A 162 20.69 11.73 -1.52
CA ASP A 162 19.64 11.78 -0.51
C ASP A 162 20.30 12.30 0.75
N LEU A 163 19.93 13.52 1.19
CA LEU A 163 20.44 14.19 2.39
C LEU A 163 19.58 13.77 3.57
N GLY A 164 20.15 12.92 4.42
CA GLY A 164 19.46 12.33 5.54
C GLY A 164 18.74 11.10 5.05
N SER A 165 19.55 10.15 4.53
CA SER A 165 19.13 8.92 3.88
C SER A 165 18.64 7.82 4.78
N GLY A 166 18.63 8.04 6.10
CA GLY A 166 18.15 7.03 7.05
C GLY A 166 18.89 5.70 6.91
N VAL A 167 18.13 4.62 6.64
CA VAL A 167 18.74 3.29 6.47
C VAL A 167 19.08 3.01 4.98
N GLY A 168 18.85 4.01 4.11
CA GLY A 168 19.21 4.00 2.70
C GLY A 168 18.15 3.57 1.70
N GLN A 169 16.89 3.43 2.13
CA GLN A 169 15.75 2.95 1.30
C GLN A 169 15.50 3.72 -0.02
N VAL A 170 15.54 5.06 -0.01
CA VAL A 170 15.36 5.90 -1.22
C VAL A 170 16.51 5.64 -2.20
N VAL A 171 17.76 5.66 -1.70
CA VAL A 171 18.97 5.42 -2.48
C VAL A 171 18.92 4.07 -3.17
N LEU A 172 18.50 3.01 -2.43
CA LEU A 172 18.38 1.65 -2.99
C LEU A 172 17.27 1.56 -4.05
N GLN A 173 16.14 2.23 -3.83
CA GLN A 173 15.07 2.21 -4.82
C GLN A 173 15.49 2.90 -6.12
N VAL A 174 16.02 4.13 -6.02
CA VAL A 174 16.50 4.93 -7.15
C VAL A 174 17.64 4.20 -7.88
N ALA A 175 18.58 3.60 -7.13
CA ALA A 175 19.67 2.85 -7.74
C ALA A 175 19.18 1.65 -8.54
N ALA A 176 18.17 0.94 -8.03
CA ALA A 176 17.58 -0.20 -8.73
C ALA A 176 16.77 0.24 -9.95
N ALA A 177 16.24 1.48 -9.95
CA ALA A 177 15.37 1.95 -11.03
C ALA A 177 16.03 2.79 -12.12
N THR A 178 17.06 3.60 -11.80
CA THR A 178 17.67 4.55 -12.75
C THR A 178 19.08 4.20 -13.25
N ASN A 179 19.56 4.97 -14.23
CA ASN A 179 20.90 4.76 -14.77
C ASN A 179 21.89 5.92 -14.45
N CYS A 180 21.71 6.62 -13.29
CA CYS A 180 22.60 7.70 -12.79
C CYS A 180 24.00 7.23 -12.72
N LYS A 181 24.96 8.17 -12.93
CA LYS A 181 26.40 7.91 -12.79
C LYS A 181 26.60 7.23 -11.41
N HIS A 182 26.09 7.86 -10.33
CA HIS A 182 26.17 7.41 -8.95
C HIS A 182 25.01 7.97 -8.12
N HIS A 183 24.66 7.22 -7.06
CA HIS A 183 23.62 7.55 -6.09
C HIS A 183 24.26 7.60 -4.71
N TYR A 184 24.06 8.66 -3.97
CA TYR A 184 24.64 8.78 -2.65
C TYR A 184 23.59 8.97 -1.64
N GLY A 185 23.88 8.48 -0.46
CA GLY A 185 23.06 8.66 0.71
C GLY A 185 24.00 9.10 1.82
N VAL A 186 23.67 10.19 2.48
CA VAL A 186 24.43 10.70 3.61
C VAL A 186 23.53 10.75 4.86
N GLU A 187 23.97 10.10 5.95
CA GLU A 187 23.24 10.06 7.22
C GLU A 187 24.19 10.38 8.39
N LYS A 188 23.83 11.36 9.23
CA LYS A 188 24.62 11.81 10.36
C LYS A 188 24.47 10.88 11.55
N ALA A 189 23.21 10.50 11.87
CA ALA A 189 22.87 9.67 13.02
C ALA A 189 23.49 8.28 13.02
N ASP A 190 24.00 7.87 14.20
CA ASP A 190 24.69 6.60 14.44
C ASP A 190 23.89 5.35 14.11
N ILE A 191 22.67 5.19 14.70
CA ILE A 191 21.82 3.99 14.52
C ILE A 191 21.43 3.78 13.05
N PRO A 192 20.75 4.73 12.32
CA PRO A 192 20.42 4.45 10.92
C PRO A 192 21.64 4.24 10.03
N ALA A 193 22.75 4.97 10.28
CA ALA A 193 23.98 4.81 9.50
C ALA A 193 24.63 3.44 9.64
N LYS A 194 24.52 2.82 10.84
CA LYS A 194 25.06 1.49 11.13
C LYS A 194 24.19 0.42 10.46
N TYR A 195 22.85 0.64 10.43
CA TYR A 195 21.88 -0.22 9.76
C TYR A 195 22.03 -0.10 8.25
N ALA A 196 22.39 1.10 7.74
CA ALA A 196 22.60 1.33 6.31
C ALA A 196 23.77 0.46 5.77
N GLU A 197 24.78 0.17 6.62
CA GLU A 197 25.88 -0.74 6.27
C GLU A 197 25.35 -2.19 5.99
N THR A 198 24.36 -2.65 6.79
CA THR A 198 23.76 -3.97 6.60
C THR A 198 22.80 -3.93 5.38
N MET A 199 22.00 -2.87 5.26
CA MET A 199 21.08 -2.66 4.13
C MET A 199 21.85 -2.75 2.81
N ASP A 200 23.02 -2.12 2.73
CA ASP A 200 23.90 -2.15 1.58
C ASP A 200 24.33 -3.60 1.24
N ARG A 201 24.83 -4.34 2.25
CA ARG A 201 25.26 -5.73 2.11
C ARG A 201 24.11 -6.62 1.62
N GLU A 202 22.94 -6.51 2.29
CA GLU A 202 21.75 -7.28 2.00
C GLU A 202 21.18 -6.98 0.61
N PHE A 203 21.16 -5.69 0.22
CA PHE A 203 20.68 -5.27 -1.10
C PHE A 203 21.48 -5.94 -2.19
N ARG A 204 22.83 -5.81 -2.13
CA ARG A 204 23.74 -6.39 -3.11
C ARG A 204 23.64 -7.92 -3.14
N LYS A 205 23.43 -8.55 -1.96
CA LYS A 205 23.30 -10.02 -1.87
C LYS A 205 22.00 -10.48 -2.54
N TRP A 206 20.87 -9.86 -2.18
CA TRP A 206 19.58 -10.22 -2.73
C TRP A 206 19.44 -9.90 -4.20
N MET A 207 20.01 -8.75 -4.66
CA MET A 207 19.97 -8.38 -6.07
C MET A 207 20.70 -9.42 -6.90
N LYS A 208 21.83 -9.95 -6.37
CA LYS A 208 22.62 -11.01 -7.00
C LYS A 208 21.81 -12.30 -7.07
N TRP A 209 21.08 -12.61 -5.98
CA TRP A 209 20.28 -13.82 -5.84
C TRP A 209 19.16 -13.86 -6.85
N TYR A 210 18.50 -12.73 -7.08
CA TYR A 210 17.41 -12.61 -8.06
C TYR A 210 17.90 -12.47 -9.47
N GLY A 211 19.17 -12.07 -9.61
CA GLY A 211 19.84 -11.85 -10.89
C GLY A 211 19.47 -10.52 -11.51
N LYS A 212 19.29 -9.50 -10.64
CA LYS A 212 18.90 -8.15 -10.98
C LYS A 212 20.03 -7.12 -10.94
N LYS A 213 20.01 -6.19 -11.91
CA LYS A 213 20.97 -5.12 -12.13
C LYS A 213 20.54 -3.83 -11.38
N HIS A 214 21.53 -3.10 -10.89
CA HIS A 214 21.31 -1.81 -10.20
C HIS A 214 22.44 -0.89 -10.55
N ALA A 215 22.23 0.40 -10.40
CA ALA A 215 23.24 1.42 -10.65
C ALA A 215 24.26 1.41 -9.48
N GLU A 216 25.34 2.19 -9.60
CA GLU A 216 26.30 2.28 -8.51
C GLU A 216 25.73 3.19 -7.43
N TYR A 217 25.95 2.83 -6.18
CA TYR A 217 25.47 3.61 -5.05
C TYR A 217 26.42 3.51 -3.88
N THR A 218 26.46 4.54 -3.04
CA THR A 218 27.25 4.63 -1.83
C THR A 218 26.39 5.16 -0.72
N LEU A 219 26.33 4.43 0.41
CA LEU A 219 25.67 4.91 1.62
C LEU A 219 26.80 5.35 2.54
N GLU A 220 26.72 6.58 3.06
CA GLU A 220 27.79 7.18 3.86
C GLU A 220 27.27 7.68 5.18
N ARG A 221 28.17 7.77 6.19
CA ARG A 221 27.89 8.46 7.43
C ARG A 221 28.57 9.82 7.26
N GLY A 222 27.90 10.88 7.69
CA GLY A 222 28.43 12.23 7.58
C GLY A 222 27.41 13.31 7.79
N ASP A 223 27.88 14.55 8.04
CA ASP A 223 27.02 15.72 8.20
C ASP A 223 26.98 16.42 6.84
N PHE A 224 25.78 16.56 6.23
CA PHE A 224 25.67 17.18 4.91
C PHE A 224 25.88 18.69 4.95
N LEU A 225 25.99 19.27 6.17
CA LEU A 225 26.26 20.69 6.39
C LEU A 225 27.76 20.95 6.60
N SER A 226 28.60 19.89 6.47
CA SER A 226 30.05 20.00 6.62
C SER A 226 30.71 20.74 5.46
N GLU A 227 31.98 21.13 5.58
CA GLU A 227 32.69 21.84 4.52
C GLU A 227 32.87 20.92 3.33
N GLU A 228 33.19 19.65 3.59
CA GLU A 228 33.36 18.63 2.57
C GLU A 228 32.09 18.49 1.72
N TRP A 229 30.90 18.63 2.34
CA TRP A 229 29.64 18.44 1.64
C TRP A 229 29.14 19.69 0.89
N ARG A 230 29.83 20.84 1.06
CA ARG A 230 29.46 22.09 0.37
C ARG A 230 29.69 21.95 -1.13
N GLU A 231 30.89 21.49 -1.49
CA GLU A 231 31.27 21.30 -2.88
C GLU A 231 30.52 20.11 -3.49
N ARG A 232 30.16 19.14 -2.66
CA ARG A 232 29.46 17.93 -3.07
C ARG A 232 28.03 18.21 -3.44
N ILE A 233 27.33 19.09 -2.67
CA ILE A 233 25.96 19.53 -2.98
C ILE A 233 26.00 20.36 -4.27
N ALA A 234 26.99 21.25 -4.37
CA ALA A 234 27.24 22.12 -5.53
C ALA A 234 27.39 21.30 -6.83
N ASN A 235 27.91 20.07 -6.76
CA ASN A 235 28.12 19.22 -7.95
C ASN A 235 27.06 18.11 -8.12
N THR A 236 25.98 18.15 -7.33
CA THR A 236 24.89 17.19 -7.43
C THR A 236 23.83 17.71 -8.41
N SER A 237 23.32 16.83 -9.31
CA SER A 237 22.30 17.24 -10.26
C SER A 237 20.89 17.03 -9.69
N VAL A 238 20.69 15.97 -8.86
CA VAL A 238 19.42 15.71 -8.21
C VAL A 238 19.61 15.50 -6.73
N ILE A 239 19.12 16.44 -5.90
CA ILE A 239 19.14 16.37 -4.45
C ILE A 239 17.73 15.93 -4.03
N PHE A 240 17.64 14.97 -3.12
CA PHE A 240 16.40 14.48 -2.55
C PHE A 240 16.48 14.76 -1.05
N VAL A 241 15.54 15.51 -0.48
CA VAL A 241 15.62 15.78 0.95
C VAL A 241 14.24 15.81 1.60
N ASN A 242 14.02 14.97 2.58
CA ASN A 242 12.80 14.99 3.37
C ASN A 242 13.13 15.98 4.50
N ASN A 243 12.76 17.24 4.29
CA ASN A 243 13.04 18.38 5.18
C ASN A 243 11.82 18.76 6.00
N PHE A 244 10.82 17.88 6.09
CA PHE A 244 9.61 18.16 6.84
C PHE A 244 9.86 18.56 8.33
N ALA A 245 10.80 17.89 9.01
CA ALA A 245 11.09 18.15 10.42
C ALA A 245 12.29 19.07 10.67
N PHE A 246 12.96 19.53 9.60
CA PHE A 246 14.13 20.40 9.68
C PHE A 246 13.85 21.75 10.35
N GLY A 247 14.79 22.15 11.22
CA GLY A 247 14.77 23.42 11.93
C GLY A 247 14.96 24.62 11.01
N PRO A 248 14.94 25.86 11.55
CA PRO A 248 15.12 27.03 10.66
C PRO A 248 16.55 27.22 10.23
N GLU A 249 17.49 26.86 11.11
CA GLU A 249 18.93 26.97 10.88
C GLU A 249 19.39 25.97 9.82
N VAL A 250 18.90 24.72 9.91
CA VAL A 250 19.19 23.66 8.95
C VAL A 250 18.63 24.06 7.59
N ASP A 251 17.43 24.64 7.56
CA ASP A 251 16.77 25.11 6.34
C ASP A 251 17.59 26.24 5.68
N HIS A 252 18.02 27.22 6.49
CA HIS A 252 18.79 28.38 6.08
C HIS A 252 20.15 27.95 5.52
N GLN A 253 20.83 27.02 6.22
CA GLN A 253 22.13 26.48 5.81
C GLN A 253 22.00 25.71 4.50
N LEU A 254 20.94 24.90 4.34
CA LEU A 254 20.69 24.14 3.12
C LEU A 254 20.48 25.06 1.94
N LYS A 255 19.72 26.15 2.13
CA LYS A 255 19.49 27.16 1.08
C LYS A 255 20.81 27.76 0.58
N GLU A 256 21.76 27.97 1.50
CA GLU A 256 23.11 28.47 1.22
C GLU A 256 23.90 27.47 0.34
N ARG A 257 23.78 26.16 0.64
CA ARG A 257 24.43 25.07 -0.11
C ARG A 257 23.83 24.97 -1.49
N PHE A 258 22.49 25.14 -1.57
CA PHE A 258 21.74 25.06 -2.80
C PHE A 258 22.02 26.21 -3.74
N ALA A 259 22.46 27.34 -3.21
CA ALA A 259 22.80 28.57 -3.95
C ALA A 259 24.07 28.40 -4.77
N ASN A 260 24.83 27.32 -4.54
CA ASN A 260 26.06 27.02 -5.27
C ASN A 260 25.86 25.94 -6.33
N MET A 261 24.63 25.43 -6.45
CA MET A 261 24.26 24.42 -7.44
C MET A 261 24.27 24.98 -8.87
N LYS A 262 24.45 24.08 -9.86
CA LYS A 262 24.52 24.43 -11.29
C LYS A 262 23.13 24.64 -11.87
N GLU A 263 23.02 25.38 -12.98
CA GLU A 263 21.75 25.61 -13.68
C GLU A 263 21.17 24.27 -14.04
N GLY A 264 19.87 24.12 -13.80
CA GLY A 264 19.16 22.88 -14.09
C GLY A 264 19.24 21.86 -12.98
N GLY A 265 20.00 22.16 -11.94
CA GLY A 265 20.11 21.32 -10.74
C GLY A 265 18.73 21.23 -10.11
N ARG A 266 18.36 20.05 -9.59
CA ARG A 266 17.01 19.80 -9.04
C ARG A 266 17.02 19.33 -7.62
N ILE A 267 16.03 19.78 -6.87
CA ILE A 267 15.86 19.42 -5.45
C ILE A 267 14.43 18.96 -5.27
N VAL A 268 14.29 17.72 -4.81
CA VAL A 268 13.01 17.07 -4.52
C VAL A 268 12.88 17.05 -2.99
N SER A 269 11.81 17.68 -2.48
CA SER A 269 11.64 17.79 -1.03
C SER A 269 10.21 17.67 -0.60
N SER A 270 10.00 17.46 0.72
CA SER A 270 8.67 17.36 1.32
C SER A 270 8.05 18.71 1.64
N LYS A 271 8.86 19.71 1.99
CA LYS A 271 8.40 21.09 2.25
C LYS A 271 9.12 22.02 1.24
N PRO A 272 8.47 23.00 0.55
CA PRO A 272 9.24 23.84 -0.42
C PRO A 272 10.29 24.73 0.25
N PHE A 273 11.40 25.00 -0.46
CA PHE A 273 12.45 25.89 0.06
C PHE A 273 12.21 27.35 -0.34
N ALA A 274 11.26 27.56 -1.25
CA ALA A 274 10.91 28.89 -1.73
C ALA A 274 9.41 28.88 -2.00
N PRO A 275 8.69 30.01 -1.83
CA PRO A 275 7.24 30.02 -2.07
C PRO A 275 6.92 29.64 -3.50
N LEU A 276 5.79 28.93 -3.68
CA LEU A 276 5.33 28.51 -4.99
C LEU A 276 4.88 29.70 -5.86
N ASN A 277 4.56 30.82 -5.20
CA ASN A 277 4.05 32.04 -5.78
C ASN A 277 5.05 33.21 -5.65
N PHE A 278 6.34 32.88 -5.44
CA PHE A 278 7.41 33.87 -5.29
C PHE A 278 7.45 34.87 -6.46
N ARG A 279 7.43 36.17 -6.12
CA ARG A 279 7.50 37.27 -7.06
C ARG A 279 8.65 38.20 -6.63
N ILE A 280 9.70 38.24 -7.44
CA ILE A 280 10.91 39.03 -7.23
C ILE A 280 10.62 40.54 -7.19
N ASN A 281 11.22 41.22 -6.21
CA ASN A 281 11.10 42.67 -6.05
C ASN A 281 12.37 43.21 -5.38
N SER A 282 12.44 44.53 -5.16
CA SER A 282 13.58 45.17 -4.52
C SER A 282 13.86 44.69 -3.08
N ARG A 283 12.87 44.06 -2.43
CA ARG A 283 12.98 43.62 -1.04
C ARG A 283 13.23 42.14 -0.80
N ASN A 284 13.17 41.28 -1.83
CA ASN A 284 13.38 39.85 -1.62
C ASN A 284 14.51 39.28 -2.46
N LEU A 285 15.46 40.13 -2.87
CA LEU A 285 16.60 39.73 -3.71
C LEU A 285 17.59 38.74 -3.05
N SER A 286 17.52 38.54 -1.71
CA SER A 286 18.42 37.62 -0.98
C SER A 286 17.84 36.22 -0.95
N ASP A 287 16.51 36.15 -1.04
CA ASP A 287 15.72 34.90 -1.05
C ASP A 287 16.17 33.91 -2.13
N ILE A 288 16.19 32.62 -1.81
CA ILE A 288 16.53 31.52 -2.72
C ILE A 288 15.53 31.42 -3.91
N GLY A 289 14.30 31.97 -3.75
CA GLY A 289 13.27 32.03 -4.78
C GLY A 289 13.68 32.82 -6.02
N THR A 290 14.77 33.60 -5.92
CA THR A 290 15.28 34.43 -7.02
C THR A 290 16.11 33.61 -8.01
N ILE A 291 16.51 32.40 -7.62
CA ILE A 291 17.40 31.55 -8.42
C ILE A 291 16.82 30.15 -8.58
N MET A 292 15.55 29.93 -8.21
CA MET A 292 14.94 28.61 -8.41
C MET A 292 13.43 28.64 -8.70
N ARG A 293 12.99 27.73 -9.63
CA ARG A 293 11.58 27.48 -9.92
C ARG A 293 11.10 26.45 -8.88
N VAL A 294 9.81 26.46 -8.54
CA VAL A 294 9.22 25.56 -7.54
C VAL A 294 7.87 25.09 -8.02
N VAL A 295 7.67 23.78 -8.07
CA VAL A 295 6.40 23.21 -8.47
C VAL A 295 5.96 22.14 -7.46
N GLU A 296 4.65 22.03 -7.26
CA GLU A 296 4.11 20.98 -6.40
C GLU A 296 3.74 19.85 -7.31
N LEU A 297 4.21 18.67 -6.96
CA LEU A 297 3.89 17.48 -7.69
C LEU A 297 3.06 16.60 -6.80
N SER A 298 1.81 16.36 -7.21
CA SER A 298 0.87 15.53 -6.47
C SER A 298 0.41 14.38 -7.34
N PRO A 299 0.70 13.10 -6.96
CA PRO A 299 0.19 11.97 -7.75
C PRO A 299 -1.32 11.94 -8.02
N LEU A 300 -2.14 12.67 -7.22
CA LEU A 300 -3.56 12.78 -7.40
C LEU A 300 -3.92 13.61 -8.64
N LYS A 301 -3.00 14.47 -9.10
CA LYS A 301 -3.16 15.28 -10.31
C LYS A 301 -2.56 14.53 -11.52
N GLY A 302 -1.32 14.06 -11.41
CA GLY A 302 -0.64 13.29 -12.44
C GLY A 302 -1.37 12.03 -12.88
N SER A 305 -3.86 7.31 -11.99
CA SER A 305 -4.55 6.19 -11.35
C SER A 305 -4.04 5.92 -9.90
N TRP A 306 -3.78 7.03 -9.14
CA TRP A 306 -3.30 7.01 -7.76
C TRP A 306 -4.45 6.84 -6.78
N THR A 307 -4.41 5.77 -5.95
CA THR A 307 -5.48 5.59 -4.96
C THR A 307 -4.94 5.59 -3.52
N GLY A 308 -3.70 6.05 -3.33
CA GLY A 308 -3.09 6.11 -2.00
C GLY A 308 -3.40 7.40 -1.24
N LYS A 309 -2.52 7.72 -0.26
CA LYS A 309 -2.65 8.93 0.56
C LYS A 309 -2.59 10.18 -0.29
N PRO A 310 -3.35 11.23 0.08
CA PRO A 310 -3.30 12.49 -0.68
C PRO A 310 -2.01 13.27 -0.38
N VAL A 311 -0.89 12.81 -0.93
CA VAL A 311 0.45 13.35 -0.71
C VAL A 311 0.96 14.20 -1.88
N SER A 312 2.01 14.98 -1.60
CA SER A 312 2.68 15.90 -2.51
C SER A 312 4.15 16.01 -2.17
N TYR A 313 4.93 16.30 -3.18
CA TYR A 313 6.33 16.64 -2.99
C TYR A 313 6.58 17.87 -3.85
N TYR A 314 7.78 18.45 -3.67
CA TYR A 314 8.12 19.70 -4.32
C TYR A 314 9.34 19.53 -5.16
N LEU A 315 9.26 20.01 -6.40
CA LEU A 315 10.41 20.01 -7.30
C LEU A 315 10.92 21.42 -7.51
N HIS A 316 12.18 21.66 -7.10
CA HIS A 316 12.90 22.93 -7.29
C HIS A 316 13.93 22.75 -8.42
N THR A 317 14.06 23.77 -9.28
CA THR A 317 15.02 23.75 -10.38
C THR A 317 15.85 25.00 -10.37
N ILE A 318 17.19 24.88 -10.26
CA ILE A 318 18.08 26.04 -10.29
C ILE A 318 17.91 26.75 -11.63
N ASP A 319 17.48 28.01 -11.56
CA ASP A 319 17.24 28.85 -12.72
C ASP A 319 17.57 30.28 -12.35
N ARG A 320 18.79 30.72 -12.68
CA ARG A 320 19.28 32.06 -12.37
C ARG A 320 18.76 33.09 -13.33
N THR A 321 17.99 32.69 -14.36
CA THR A 321 17.38 33.64 -15.31
C THR A 321 16.25 34.41 -14.59
N ILE A 322 15.66 33.86 -13.52
CA ILE A 322 14.68 34.55 -12.68
C ILE A 322 15.28 35.87 -12.22
N LEU A 323 16.55 35.81 -11.68
CA LEU A 323 17.31 36.97 -11.21
C LEU A 323 17.80 37.81 -12.38
N GLU A 324 18.32 37.18 -13.46
CA GLU A 324 18.81 37.88 -14.65
C GLU A 324 17.72 38.77 -15.25
N ASN A 325 16.49 38.25 -15.38
CA ASN A 325 15.34 38.95 -15.95
C ASN A 325 14.94 40.13 -15.15
N TYR A 326 15.01 40.05 -13.82
CA TYR A 326 14.66 41.16 -12.93
C TYR A 326 15.61 42.33 -13.20
N PHE A 327 16.92 42.06 -13.35
CA PHE A 327 17.91 43.10 -13.63
C PHE A 327 17.74 43.69 -15.01
N SER A 328 17.51 42.84 -16.05
CA SER A 328 17.30 43.32 -17.42
C SER A 328 16.06 44.19 -17.50
N SER A 329 15.03 43.85 -16.70
CA SER A 329 13.77 44.63 -16.60
C SER A 329 14.01 46.00 -15.96
N LEU A 330 14.95 46.11 -14.98
CA LEU A 330 15.27 47.39 -14.34
C LEU A 330 16.04 48.29 -15.30
N LYS A 331 16.92 47.69 -16.12
CA LYS A 331 17.79 48.38 -17.09
C LYS A 331 17.11 48.68 -18.45
N ASN A 332 16.01 47.96 -18.76
CA ASN A 332 15.25 48.10 -20.00
C ASN A 332 13.74 48.15 -19.64
N PRO A 333 13.20 49.29 -19.16
CA PRO A 333 11.76 49.34 -18.84
C PRO A 333 10.87 49.49 -20.07
N LYS B 5 -14.37 23.00 24.10
CA LYS B 5 -13.21 23.89 24.17
C LYS B 5 -11.93 23.22 23.63
N LEU B 6 -11.39 22.24 24.38
CA LEU B 6 -10.19 21.50 23.99
C LEU B 6 -10.55 20.49 22.91
N GLU B 7 -10.82 20.98 21.71
CA GLU B 7 -11.26 20.14 20.59
C GLU B 7 -11.02 20.78 19.22
N LEU B 8 -11.04 19.96 18.16
CA LEU B 8 -10.91 20.36 16.77
C LEU B 8 -12.15 19.94 16.01
N ARG B 9 -12.74 20.88 15.22
CA ARG B 9 -13.97 20.62 14.45
C ARG B 9 -13.77 20.73 12.95
N LEU B 10 -14.29 19.73 12.20
CA LEU B 10 -14.27 19.78 10.76
C LEU B 10 -15.69 19.77 10.28
N LYS B 11 -16.10 20.84 9.59
CA LYS B 11 -17.44 20.98 9.02
C LYS B 11 -17.57 20.05 7.83
N SER B 12 -18.73 19.44 7.69
CA SER B 12 -18.99 18.56 6.59
C SER B 12 -19.13 19.35 5.27
N PRO B 13 -18.52 18.86 4.18
CA PRO B 13 -18.73 19.51 2.87
C PRO B 13 -20.21 19.51 2.37
N VAL B 14 -21.10 18.73 3.01
CA VAL B 14 -22.53 18.58 2.66
C VAL B 14 -23.49 18.98 3.78
N GLY B 15 -22.97 19.64 4.80
CA GLY B 15 -23.82 20.12 5.89
C GLY B 15 -24.30 19.08 6.89
N ALA B 16 -23.61 17.93 6.98
CA ALA B 16 -23.89 16.92 7.98
C ALA B 16 -23.33 17.45 9.34
N GLU B 17 -23.53 16.70 10.43
CA GLU B 17 -23.00 17.12 11.73
C GLU B 17 -21.45 17.16 11.66
N PRO B 18 -20.77 18.19 12.24
CA PRO B 18 -19.30 18.29 12.13
C PRO B 18 -18.53 17.16 12.79
N ALA B 19 -17.34 16.85 12.25
CA ALA B 19 -16.45 15.85 12.86
C ALA B 19 -15.74 16.57 14.01
N VAL B 20 -15.88 16.05 15.23
CA VAL B 20 -15.31 16.65 16.44
C VAL B 20 -14.25 15.72 17.04
N TYR B 21 -13.04 16.23 17.17
CA TYR B 21 -11.90 15.48 17.71
C TYR B 21 -11.46 16.08 19.01
N PRO B 22 -11.17 15.30 20.05
CA PRO B 22 -10.69 15.93 21.30
C PRO B 22 -9.22 16.27 21.19
N TRP B 23 -8.75 17.18 22.03
CA TRP B 23 -7.34 17.53 22.10
C TRP B 23 -6.89 17.22 23.53
N PRO B 24 -5.77 16.48 23.77
CA PRO B 24 -4.80 15.92 22.82
C PRO B 24 -5.42 14.94 21.84
N LEU B 25 -4.96 14.97 20.59
CA LEU B 25 -5.51 14.07 19.57
C LEU B 25 -5.19 12.60 19.79
N PRO B 26 -6.15 11.68 19.52
CA PRO B 26 -5.83 10.25 19.66
C PRO B 26 -4.72 9.77 18.73
N VAL B 27 -3.99 8.78 19.22
CA VAL B 27 -2.94 8.10 18.48
C VAL B 27 -3.48 6.71 18.12
N TYR B 28 -3.23 6.28 16.91
CA TYR B 28 -3.69 4.99 16.41
C TYR B 28 -2.59 3.93 16.50
N ASP B 29 -1.34 4.31 16.13
CA ASP B 29 -0.10 3.51 16.25
C ASP B 29 1.13 4.43 16.24
N LYS B 30 2.36 3.86 16.23
CA LYS B 30 3.64 4.60 16.29
C LYS B 30 3.83 5.66 15.17
N HIS B 31 3.25 5.42 13.96
CA HIS B 31 3.39 6.32 12.80
C HIS B 31 2.05 6.92 12.28
N HIS B 32 0.91 6.50 12.89
CA HIS B 32 -0.46 6.91 12.53
C HIS B 32 -1.26 7.53 13.70
N ASP B 33 -1.79 8.75 13.50
CA ASP B 33 -2.57 9.47 14.50
C ASP B 33 -3.74 10.27 13.90
N ALA B 34 -4.61 10.86 14.74
CA ALA B 34 -5.76 11.66 14.34
C ALA B 34 -5.40 12.94 13.60
N ALA B 35 -4.19 13.50 13.88
CA ALA B 35 -3.75 14.73 13.23
C ALA B 35 -3.58 14.50 11.76
N HIS B 36 -2.95 13.37 11.37
CA HIS B 36 -2.73 13.00 9.98
C HIS B 36 -4.02 12.66 9.30
N GLU B 37 -4.99 12.13 10.06
CA GLU B 37 -6.33 11.85 9.57
C GLU B 37 -7.03 13.16 9.23
N ILE B 38 -6.90 14.18 10.09
CA ILE B 38 -7.48 15.51 9.89
C ILE B 38 -6.91 16.14 8.64
N ILE B 39 -5.58 16.14 8.50
CA ILE B 39 -4.90 16.68 7.32
C ILE B 39 -5.30 15.97 6.03
N GLU B 40 -5.39 14.63 6.07
CA GLU B 40 -5.75 13.83 4.92
C GLU B 40 -7.24 13.94 4.56
N THR B 41 -8.13 14.19 5.55
CA THR B 41 -9.56 14.41 5.30
C THR B 41 -9.72 15.75 4.54
N ILE B 42 -9.05 16.85 5.02
CA ILE B 42 -9.09 18.19 4.42
C ILE B 42 -8.63 18.11 2.99
N ARG B 43 -7.54 17.40 2.75
CA ARG B 43 -6.93 17.20 1.44
C ARG B 43 -7.80 16.45 0.50
N TRP B 44 -8.45 15.37 0.95
CA TRP B 44 -9.38 14.60 0.15
C TRP B 44 -10.62 15.43 -0.20
N VAL B 45 -11.22 16.14 0.78
CA VAL B 45 -12.39 17.00 0.55
C VAL B 45 -12.07 18.09 -0.48
N CYS B 46 -10.84 18.62 -0.46
CA CYS B 46 -10.35 19.62 -1.38
C CYS B 46 -10.12 19.08 -2.75
N GLU B 47 -9.69 17.84 -2.83
CA GLU B 47 -9.46 17.19 -4.10
C GLU B 47 -10.76 16.99 -4.85
N GLU B 48 -11.78 16.45 -4.18
CA GLU B 48 -13.06 16.13 -4.75
C GLU B 48 -13.92 17.38 -5.00
N ILE B 49 -13.76 18.46 -4.20
CA ILE B 49 -14.52 19.71 -4.45
C ILE B 49 -13.57 20.80 -4.99
N PRO B 50 -13.49 21.00 -6.33
CA PRO B 50 -12.56 22.03 -6.87
C PRO B 50 -12.74 23.46 -6.33
N ASP B 51 -14.01 23.94 -6.19
CA ASP B 51 -14.31 25.28 -5.63
C ASP B 51 -13.73 25.41 -4.22
N LEU B 52 -13.66 24.29 -3.47
CA LEU B 52 -13.10 24.25 -2.13
C LEU B 52 -11.60 24.50 -2.12
N LYS B 53 -10.84 23.85 -3.03
CA LYS B 53 -9.40 24.06 -3.22
C LYS B 53 -9.14 25.51 -3.60
N LEU B 54 -9.99 26.11 -4.50
CA LEU B 54 -9.92 27.52 -4.88
C LEU B 54 -10.14 28.44 -3.67
N ALA B 55 -11.24 28.23 -2.90
CA ALA B 55 -11.56 29.05 -1.75
C ALA B 55 -10.54 28.97 -0.64
N MET B 56 -9.95 27.79 -0.41
CA MET B 56 -9.01 27.63 0.68
C MET B 56 -7.62 28.28 0.48
N GLU B 57 -7.14 28.95 1.57
CA GLU B 57 -5.78 29.50 1.73
C GLU B 57 -4.90 28.27 2.03
N ASN B 58 -4.38 27.67 0.94
CA ASN B 58 -3.65 26.39 0.94
C ASN B 58 -2.29 26.41 1.63
N TYR B 59 -1.65 27.59 1.80
CA TYR B 59 -0.33 27.69 2.48
C TYR B 59 -0.29 26.93 3.81
N VAL B 60 -1.48 26.77 4.42
CA VAL B 60 -1.73 26.17 5.72
C VAL B 60 -1.51 24.64 5.68
N LEU B 61 -1.77 23.98 4.50
CA LEU B 61 -1.54 22.54 4.33
C LEU B 61 -0.04 22.18 4.19
N ILE B 62 0.84 23.20 4.14
CA ILE B 62 2.31 23.08 4.06
C ILE B 62 2.85 23.27 5.50
N ASP B 63 2.56 24.43 6.10
CA ASP B 63 3.00 24.85 7.42
C ASP B 63 1.98 24.58 8.51
N TYR B 64 2.09 23.39 9.10
CA TYR B 64 1.26 22.95 10.22
C TYR B 64 2.17 22.25 11.21
N ASP B 65 1.81 22.32 12.50
CA ASP B 65 2.56 21.63 13.54
C ASP B 65 1.53 20.74 14.21
N THR B 66 1.61 19.42 13.97
CA THR B 66 0.65 18.44 14.53
C THR B 66 0.66 18.42 16.05
N LYS B 67 1.71 18.96 16.64
CA LYS B 67 1.96 18.98 18.06
C LYS B 67 1.65 20.33 18.66
N SER B 68 0.91 21.17 17.92
CA SER B 68 0.53 22.52 18.36
C SER B 68 -0.97 22.66 18.25
N PHE B 69 -1.65 22.92 19.40
CA PHE B 69 -3.09 23.06 19.38
C PHE B 69 -3.48 24.23 18.49
N GLU B 70 -2.82 25.37 18.67
CA GLU B 70 -3.06 26.60 17.92
C GLU B 70 -2.83 26.42 16.41
N SER B 71 -1.78 25.67 16.02
CA SER B 71 -1.47 25.42 14.61
C SER B 71 -2.52 24.51 13.96
N MET B 72 -2.90 23.42 14.64
CA MET B 72 -3.95 22.49 14.21
C MET B 72 -5.33 23.16 14.12
N GLN B 73 -5.59 24.07 15.07
CA GLN B 73 -6.81 24.87 15.08
C GLN B 73 -6.87 25.87 13.90
N ARG B 74 -5.74 26.47 13.52
CA ARG B 74 -5.66 27.44 12.45
C ARG B 74 -5.93 26.72 11.13
N LEU B 75 -5.47 25.45 11.02
CA LEU B 75 -5.64 24.57 9.87
C LEU B 75 -7.13 24.24 9.64
N CYS B 76 -7.83 23.76 10.70
CA CYS B 76 -9.24 23.42 10.75
C CYS B 76 -10.09 24.62 10.47
N ASP B 77 -9.66 25.77 10.95
CA ASP B 77 -10.42 26.97 10.73
C ASP B 77 -10.37 27.49 9.28
N LYS B 78 -9.19 27.35 8.60
CA LYS B 78 -9.04 27.76 7.21
C LYS B 78 -9.98 26.92 6.37
N TYR B 79 -10.08 25.63 6.69
CA TYR B 79 -10.93 24.68 6.01
C TYR B 79 -12.43 25.04 6.25
N ASN B 80 -12.82 25.27 7.52
CA ASN B 80 -14.20 25.57 7.89
C ASN B 80 -14.70 26.87 7.23
N ARG B 81 -13.84 27.88 7.15
CA ARG B 81 -14.12 29.13 6.47
C ARG B 81 -14.36 28.90 4.99
N ALA B 82 -13.59 27.99 4.38
CA ALA B 82 -13.65 27.65 2.98
C ALA B 82 -14.98 26.95 2.70
N ILE B 83 -15.37 26.01 3.59
CA ILE B 83 -16.66 25.27 3.56
C ILE B 83 -17.77 26.30 3.59
N ASP B 84 -17.72 27.23 4.54
CA ASP B 84 -18.63 28.36 4.69
C ASP B 84 -18.79 29.15 3.43
N SER B 85 -17.68 29.49 2.73
CA SER B 85 -17.69 30.27 1.48
C SER B 85 -18.42 29.53 0.36
N ILE B 86 -18.11 28.25 0.22
CA ILE B 86 -18.65 27.35 -0.79
C ILE B 86 -20.15 27.13 -0.54
N HIS B 87 -20.57 27.06 0.73
CA HIS B 87 -21.97 26.97 1.07
C HIS B 87 -22.74 28.22 0.69
N GLN B 88 -22.09 29.38 0.76
CA GLN B 88 -22.65 30.64 0.30
C GLN B 88 -22.76 30.68 -1.25
N LEU B 89 -21.69 30.24 -1.93
CA LEU B 89 -21.58 30.17 -3.40
C LEU B 89 -22.69 29.27 -3.97
N TRP B 90 -22.96 28.16 -3.28
CA TRP B 90 -23.99 27.21 -3.66
C TRP B 90 -25.41 27.68 -3.32
N LYS B 91 -25.58 28.53 -2.29
CA LYS B 91 -26.85 29.19 -1.96
C LYS B 91 -27.27 29.99 -3.23
N GLY B 92 -26.37 30.86 -3.76
CA GLY B 92 -26.59 31.67 -4.96
C GLY B 92 -26.70 30.93 -6.30
N THR B 93 -26.25 29.67 -6.33
CA THR B 93 -26.21 28.75 -7.47
C THR B 93 -27.53 27.97 -7.54
N ASN B 100 -25.60 12.81 -3.68
CA ASN B 100 -24.69 11.81 -3.11
C ASN B 100 -24.21 10.74 -4.13
N THR B 101 -22.89 10.76 -4.48
CA THR B 101 -22.26 9.83 -5.43
C THR B 101 -21.52 8.68 -4.66
N ARG B 102 -20.94 7.70 -5.37
CA ARG B 102 -20.16 6.64 -4.73
C ARG B 102 -18.77 7.20 -4.46
N PRO B 103 -18.09 6.81 -3.38
CA PRO B 103 -16.74 7.35 -3.17
C PRO B 103 -15.77 6.84 -4.23
N SER B 104 -14.75 7.61 -4.56
CA SER B 104 -13.69 7.18 -5.47
C SER B 104 -12.96 6.05 -4.69
N THR B 105 -12.07 5.29 -5.35
CA THR B 105 -11.31 4.25 -4.68
C THR B 105 -10.38 4.85 -3.60
N GLY B 106 -9.69 5.94 -3.97
CA GLY B 106 -8.79 6.69 -3.11
C GLY B 106 -9.50 7.15 -1.85
N LEU B 107 -10.65 7.83 -2.03
CA LEU B 107 -11.39 8.30 -0.88
C LEU B 107 -11.87 7.13 0.01
N LEU B 108 -12.36 6.04 -0.60
CA LEU B 108 -12.83 4.86 0.09
C LEU B 108 -11.71 4.25 0.95
N ARG B 109 -10.51 4.11 0.41
CA ARG B 109 -9.37 3.63 1.18
C ARG B 109 -9.23 4.49 2.47
N HIS B 110 -9.31 5.83 2.34
CA HIS B 110 -9.27 6.79 3.45
C HIS B 110 -10.43 6.58 4.45
N ILE B 111 -11.70 6.47 3.95
CA ILE B 111 -12.90 6.27 4.76
C ILE B 111 -12.82 4.97 5.57
N LEU B 112 -12.46 3.85 4.93
CA LEU B 112 -12.34 2.56 5.60
C LEU B 112 -11.30 2.57 6.74
N GLN B 113 -10.17 3.24 6.48
CA GLN B 113 -9.10 3.39 7.46
C GLN B 113 -9.57 4.27 8.61
N GLN B 114 -10.30 5.34 8.30
CA GLN B 114 -10.87 6.30 9.25
C GLN B 114 -11.90 5.59 10.16
N VAL B 115 -12.81 4.82 9.55
CA VAL B 115 -13.86 4.06 10.23
C VAL B 115 -13.20 3.05 11.17
N TYR B 116 -12.15 2.34 10.71
CA TYR B 116 -11.42 1.37 11.54
C TYR B 116 -10.75 2.06 12.77
N ASN B 117 -10.07 3.20 12.55
CA ASN B 117 -9.35 3.94 13.60
C ASN B 117 -10.26 4.45 14.70
N HIS B 118 -11.49 4.83 14.32
CA HIS B 118 -12.51 5.28 15.25
C HIS B 118 -13.27 4.13 15.92
N SER B 119 -13.23 2.93 15.34
CA SER B 119 -13.98 1.78 15.85
C SER B 119 -13.17 0.77 16.61
N VAL B 120 -12.03 0.32 16.05
CA VAL B 120 -11.18 -0.69 16.69
C VAL B 120 -10.12 0.03 17.52
N THR B 121 -10.56 0.52 18.67
CA THR B 121 -9.81 1.32 19.64
C THR B 121 -8.74 0.50 20.39
N ASP B 122 -8.94 -0.82 20.54
CA ASP B 122 -7.98 -1.69 21.21
C ASP B 122 -7.75 -2.92 20.32
N PRO B 123 -6.84 -2.85 19.32
CA PRO B 123 -6.66 -4.00 18.40
C PRO B 123 -6.01 -5.24 19.03
N GLU B 124 -5.44 -5.09 20.25
CA GLU B 124 -4.82 -6.15 21.05
C GLU B 124 -5.89 -7.23 21.31
N LYS B 125 -7.14 -6.77 21.57
CA LYS B 125 -8.34 -7.56 21.85
C LYS B 125 -8.75 -8.51 20.72
N LEU B 126 -8.26 -8.29 19.48
CA LEU B 126 -8.61 -9.12 18.32
C LEU B 126 -7.98 -10.51 18.35
N ASN B 127 -6.73 -10.63 18.86
CA ASN B 127 -5.95 -11.88 18.92
C ASN B 127 -5.91 -12.56 17.53
N ASN B 128 -5.51 -11.76 16.53
CA ASN B 128 -5.40 -12.13 15.13
C ASN B 128 -3.98 -11.90 14.66
N TYR B 129 -3.29 -13.00 14.32
CA TYR B 129 -1.90 -13.01 13.88
C TYR B 129 -1.80 -13.39 12.39
N GLU B 130 -2.98 -13.63 11.74
CA GLU B 130 -3.13 -13.98 10.33
C GLU B 130 -2.61 -12.86 9.40
N PRO B 131 -2.07 -13.18 8.20
CA PRO B 131 -1.55 -12.12 7.32
C PRO B 131 -2.63 -11.25 6.66
N PHE B 132 -3.88 -11.76 6.58
CA PHE B 132 -5.01 -11.00 6.00
C PHE B 132 -6.09 -10.69 7.08
N SER B 133 -5.61 -10.20 8.25
CA SER B 133 -6.40 -9.84 9.42
C SER B 133 -6.89 -8.35 9.33
N PRO B 134 -7.86 -7.89 10.18
CA PRO B 134 -8.33 -6.50 10.10
C PRO B 134 -7.27 -5.40 10.33
N GLU B 135 -6.27 -5.69 11.19
CA GLU B 135 -5.20 -4.74 11.54
C GLU B 135 -4.32 -4.33 10.35
N VAL B 136 -4.24 -5.20 9.30
CA VAL B 136 -3.43 -5.01 8.08
C VAL B 136 -4.29 -4.93 6.79
N TYR B 137 -5.61 -4.60 6.91
CA TYR B 137 -6.55 -4.52 5.79
C TYR B 137 -6.16 -3.57 4.64
N GLY B 138 -5.69 -2.38 4.98
CA GLY B 138 -5.30 -1.38 3.99
C GLY B 138 -4.10 -1.79 3.16
N GLU B 139 -3.25 -2.72 3.70
CA GLU B 139 -2.03 -3.21 3.05
C GLU B 139 -2.29 -3.94 1.68
N THR B 140 -2.85 -5.17 1.68
CA THR B 140 -3.08 -5.93 0.45
C THR B 140 -4.59 -6.14 0.19
N SER B 141 -5.38 -6.39 1.25
CA SER B 141 -6.82 -6.68 1.17
C SER B 141 -7.63 -5.61 0.44
N PHE B 142 -7.45 -4.32 0.78
CA PHE B 142 -8.20 -3.27 0.14
C PHE B 142 -8.07 -3.38 -1.39
N ASP B 143 -6.83 -3.48 -1.88
CA ASP B 143 -6.50 -3.54 -3.30
C ASP B 143 -6.97 -4.77 -4.01
N LEU B 144 -6.91 -5.92 -3.30
CA LEU B 144 -7.34 -7.20 -3.83
C LEU B 144 -8.85 -7.23 -3.90
N VAL B 145 -9.54 -6.76 -2.83
CA VAL B 145 -11.01 -6.66 -2.82
C VAL B 145 -11.48 -5.70 -3.98
N ALA B 146 -10.72 -4.61 -4.21
CA ALA B 146 -10.99 -3.64 -5.29
C ALA B 146 -10.82 -4.32 -6.66
N GLN B 147 -9.76 -5.14 -6.84
CA GLN B 147 -9.51 -5.93 -8.06
C GLN B 147 -10.66 -6.91 -8.30
N MET B 148 -11.14 -7.58 -7.23
CA MET B 148 -12.29 -8.47 -7.28
C MET B 148 -13.58 -7.76 -7.70
N ILE B 149 -13.90 -6.61 -7.07
CA ILE B 149 -15.07 -5.80 -7.41
C ILE B 149 -15.09 -5.52 -8.93
N ASP B 150 -13.93 -5.16 -9.53
CA ASP B 150 -13.82 -4.92 -10.98
C ASP B 150 -13.98 -6.17 -11.84
N GLU B 151 -13.64 -7.35 -11.28
CA GLU B 151 -13.66 -8.65 -11.97
C GLU B 151 -15.02 -9.37 -11.92
N ILE B 152 -15.59 -9.46 -10.74
CA ILE B 152 -16.86 -10.11 -10.44
C ILE B 152 -17.87 -9.01 -10.69
N LYS B 153 -18.48 -8.99 -11.86
CA LYS B 153 -19.42 -7.88 -12.14
C LYS B 153 -20.73 -8.17 -11.44
N MET B 154 -21.12 -7.28 -10.52
CA MET B 154 -22.31 -7.44 -9.71
C MET B 154 -23.39 -6.43 -10.09
N THR B 155 -24.66 -6.84 -9.98
CA THR B 155 -25.81 -6.02 -10.34
C THR B 155 -26.81 -6.03 -9.19
N ASP B 156 -27.92 -5.28 -9.34
CA ASP B 156 -29.00 -5.15 -8.36
C ASP B 156 -29.71 -6.47 -8.09
N ASP B 157 -29.47 -7.49 -8.93
CA ASP B 157 -30.08 -8.80 -8.76
C ASP B 157 -29.25 -9.67 -7.82
N ASP B 158 -28.03 -9.22 -7.51
CA ASP B 158 -27.12 -9.97 -6.66
C ASP B 158 -27.32 -9.68 -5.17
N LEU B 159 -26.96 -10.67 -4.34
CA LEU B 159 -26.93 -10.63 -2.89
C LEU B 159 -25.53 -11.11 -2.56
N PHE B 160 -24.78 -10.34 -1.80
CA PHE B 160 -23.40 -10.63 -1.44
C PHE B 160 -23.25 -11.01 0.04
N VAL B 161 -22.59 -12.15 0.34
CA VAL B 161 -22.36 -12.58 1.71
C VAL B 161 -20.88 -12.84 1.97
N ASP B 162 -20.33 -12.25 3.05
CA ASP B 162 -18.97 -12.51 3.52
C ASP B 162 -19.11 -13.41 4.73
N LEU B 163 -18.67 -14.68 4.61
CA LEU B 163 -18.71 -15.70 5.67
C LEU B 163 -17.42 -15.58 6.50
N GLY B 164 -17.57 -15.03 7.70
CA GLY B 164 -16.44 -14.75 8.60
C GLY B 164 -15.92 -13.38 8.26
N SER B 165 -16.81 -12.38 8.37
CA SER B 165 -16.61 -10.99 8.00
C SER B 165 -15.74 -10.15 8.93
N GLY B 166 -15.27 -10.72 10.04
CA GLY B 166 -14.43 -10.01 11.01
C GLY B 166 -15.09 -8.76 11.55
N VAL B 167 -14.48 -7.59 11.33
CA VAL B 167 -15.03 -6.29 11.79
C VAL B 167 -15.89 -5.63 10.70
N GLY B 168 -16.04 -6.33 9.55
CA GLY B 168 -16.92 -5.95 8.44
C GLY B 168 -16.32 -5.21 7.28
N GLN B 169 -14.98 -5.12 7.20
CA GLN B 169 -14.23 -4.37 6.19
C GLN B 169 -14.54 -4.70 4.72
N VAL B 170 -14.63 -5.98 4.34
CA VAL B 170 -14.98 -6.43 2.96
C VAL B 170 -16.42 -5.98 2.62
N VAL B 171 -17.37 -6.21 3.54
CA VAL B 171 -18.77 -5.83 3.39
C VAL B 171 -18.92 -4.34 3.16
N LEU B 172 -18.21 -3.52 3.95
CA LEU B 172 -18.22 -2.04 3.81
C LEU B 172 -17.59 -1.59 2.47
N GLN B 173 -16.51 -2.23 2.04
CA GLN B 173 -15.90 -1.86 0.76
C GLN B 173 -16.83 -2.17 -0.40
N VAL B 174 -17.36 -3.41 -0.47
CA VAL B 174 -18.26 -3.89 -1.52
C VAL B 174 -19.54 -3.08 -1.52
N ALA B 175 -20.11 -2.78 -0.33
CA ALA B 175 -21.31 -1.96 -0.22
C ALA B 175 -21.10 -0.55 -0.76
N ALA B 176 -19.93 0.05 -0.50
CA ALA B 176 -19.60 1.38 -1.02
C ALA B 176 -19.35 1.35 -2.53
N ALA B 177 -18.92 0.21 -3.09
CA ALA B 177 -18.56 0.13 -4.50
C ALA B 177 -19.63 -0.42 -5.45
N THR B 178 -20.47 -1.36 -5.01
CA THR B 178 -21.46 -2.05 -5.87
C THR B 178 -22.94 -1.66 -5.66
N ASN B 179 -23.80 -2.14 -6.56
CA ASN B 179 -25.23 -1.85 -6.47
C ASN B 179 -26.07 -3.12 -6.16
N CYS B 180 -25.49 -4.12 -5.42
CA CYS B 180 -26.19 -5.34 -4.95
C CYS B 180 -27.43 -5.01 -4.20
N LYS B 181 -28.45 -5.89 -4.30
CA LYS B 181 -29.70 -5.77 -3.57
C LYS B 181 -29.34 -5.53 -2.06
N HIS B 182 -28.45 -6.42 -1.51
CA HIS B 182 -28.01 -6.40 -0.12
C HIS B 182 -26.66 -7.09 0.05
N HIS B 183 -25.90 -6.63 1.05
CA HIS B 183 -24.58 -7.13 1.43
C HIS B 183 -24.66 -7.58 2.86
N TYR B 184 -24.30 -8.83 3.11
CA TYR B 184 -24.30 -9.38 4.46
C TYR B 184 -22.90 -9.80 4.87
N GLY B 185 -22.66 -9.68 6.14
CA GLY B 185 -21.45 -10.10 6.81
C GLY B 185 -21.89 -10.88 8.03
N VAL B 186 -21.39 -12.10 8.16
CA VAL B 186 -21.69 -12.98 9.30
C VAL B 186 -20.38 -13.32 10.02
N GLU B 187 -20.33 -13.06 11.34
CA GLU B 187 -19.17 -13.32 12.18
C GLU B 187 -19.62 -14.01 13.47
N LYS B 188 -19.00 -15.16 13.79
CA LYS B 188 -19.32 -15.98 14.95
C LYS B 188 -18.70 -15.40 16.22
N ALA B 189 -17.41 -15.02 16.15
CA ALA B 189 -16.63 -14.52 17.27
C ALA B 189 -17.16 -13.23 17.90
N ASP B 190 -17.17 -13.19 19.24
CA ASP B 190 -17.67 -12.12 20.08
C ASP B 190 -17.00 -10.77 19.86
N ILE B 191 -15.64 -10.69 19.96
CA ILE B 191 -14.86 -9.45 19.84
C ILE B 191 -15.04 -8.79 18.46
N PRO B 192 -14.72 -9.45 17.30
CA PRO B 192 -14.94 -8.76 16.01
C PRO B 192 -16.39 -8.40 15.74
N ALA B 193 -17.35 -9.23 16.16
CA ALA B 193 -18.79 -8.95 15.98
C ALA B 193 -19.26 -7.72 16.74
N LYS B 194 -18.67 -7.46 17.94
CA LYS B 194 -19.00 -6.29 18.78
C LYS B 194 -18.40 -5.03 18.17
N TYR B 195 -17.19 -5.15 17.57
CA TYR B 195 -16.48 -4.07 16.86
C TYR B 195 -17.21 -3.76 15.57
N ALA B 196 -17.80 -4.78 14.91
CA ALA B 196 -18.56 -4.61 13.67
C ALA B 196 -19.76 -3.69 13.88
N GLU B 197 -20.35 -3.70 15.08
CA GLU B 197 -21.47 -2.79 15.47
C GLU B 197 -21.00 -1.30 15.44
N THR B 198 -19.75 -1.03 15.89
CA THR B 198 -19.20 0.32 15.86
C THR B 198 -18.78 0.69 14.43
N MET B 199 -18.13 -0.25 13.71
CA MET B 199 -17.74 -0.08 12.31
C MET B 199 -18.95 0.33 11.45
N ASP B 200 -20.09 -0.31 11.66
CA ASP B 200 -21.35 -0.01 11.00
C ASP B 200 -21.79 1.44 11.28
N ARG B 201 -21.81 1.85 12.56
CA ARG B 201 -22.19 3.19 13.00
C ARG B 201 -21.27 4.24 12.39
N GLU B 202 -19.93 4.01 12.49
CA GLU B 202 -18.91 4.91 11.98
C GLU B 202 -18.93 5.05 10.46
N PHE B 203 -19.15 3.92 9.75
CA PHE B 203 -19.23 3.92 8.29
C PHE B 203 -20.37 4.81 7.84
N ARG B 204 -21.58 4.59 8.37
CA ARG B 204 -22.76 5.37 8.02
C ARG B 204 -22.60 6.84 8.39
N LYS B 205 -21.93 7.13 9.54
CA LYS B 205 -21.69 8.51 9.98
C LYS B 205 -20.73 9.24 9.02
N TRP B 206 -19.58 8.61 8.73
CA TRP B 206 -18.58 9.19 7.84
C TRP B 206 -19.04 9.30 6.41
N MET B 207 -19.80 8.31 5.91
CA MET B 207 -20.33 8.34 4.55
C MET B 207 -21.27 9.51 4.40
N LYS B 208 -22.07 9.81 5.45
CA LYS B 208 -23.00 10.98 5.52
C LYS B 208 -22.19 12.26 5.51
N TRP B 209 -21.09 12.30 6.26
CA TRP B 209 -20.21 13.47 6.41
C TRP B 209 -19.59 13.87 5.09
N TYR B 210 -19.13 12.88 4.31
CA TYR B 210 -18.52 13.10 3.00
C TYR B 210 -19.52 13.33 1.93
N GLY B 211 -20.75 12.92 2.18
CA GLY B 211 -21.87 13.02 1.26
C GLY B 211 -21.86 11.93 0.21
N LYS B 212 -21.44 10.72 0.61
CA LYS B 212 -21.27 9.54 -0.23
C LYS B 212 -22.36 8.48 -0.05
N LYS B 213 -22.76 7.89 -1.17
CA LYS B 213 -23.78 6.86 -1.30
C LYS B 213 -23.15 5.43 -1.16
N HIS B 214 -23.90 4.51 -0.58
CA HIS B 214 -23.51 3.11 -0.43
C HIS B 214 -24.75 2.25 -0.54
N ALA B 215 -24.56 0.97 -0.86
CA ALA B 215 -25.64 0.00 -0.98
C ALA B 215 -26.13 -0.39 0.43
N GLU B 216 -27.21 -1.16 0.52
CA GLU B 216 -27.70 -1.63 1.80
C GLU B 216 -26.80 -2.75 2.29
N TYR B 217 -26.50 -2.75 3.58
CA TYR B 217 -25.68 -3.79 4.16
C TYR B 217 -26.07 -4.08 5.60
N THR B 218 -25.84 -5.33 6.04
CA THR B 218 -26.10 -5.82 7.38
C THR B 218 -24.92 -6.61 7.85
N LEU B 219 -24.39 -6.26 9.04
CA LEU B 219 -23.32 -7.01 9.71
C LEU B 219 -23.97 -7.70 10.90
N GLU B 220 -24.00 -9.05 10.88
CA GLU B 220 -24.65 -9.84 11.92
C GLU B 220 -23.72 -10.86 12.58
N ARG B 221 -24.03 -11.18 13.84
CA ARG B 221 -23.34 -12.21 14.60
C ARG B 221 -24.09 -13.50 14.30
N GLY B 222 -23.34 -14.59 14.11
CA GLY B 222 -23.92 -15.89 13.83
C GLY B 222 -22.93 -16.90 13.31
N ASP B 223 -23.33 -18.18 13.33
CA ASP B 223 -22.54 -19.29 12.80
C ASP B 223 -23.09 -19.56 11.40
N PHE B 224 -22.24 -19.45 10.37
CA PHE B 224 -22.69 -19.64 9.00
C PHE B 224 -22.91 -21.12 8.65
N LEU B 225 -22.60 -22.01 9.60
CA LEU B 225 -22.84 -23.45 9.47
C LEU B 225 -24.15 -23.87 10.17
N SER B 226 -24.90 -22.90 10.74
CA SER B 226 -26.19 -23.16 11.41
C SER B 226 -27.28 -23.54 10.39
N GLU B 227 -28.43 -24.02 10.87
CA GLU B 227 -29.56 -24.43 10.03
C GLU B 227 -30.19 -23.21 9.35
N GLU B 228 -30.27 -22.08 10.11
CA GLU B 228 -30.79 -20.79 9.66
C GLU B 228 -30.02 -20.35 8.42
N TRP B 229 -28.68 -20.42 8.51
CA TRP B 229 -27.73 -20.01 7.46
C TRP B 229 -27.58 -21.00 6.30
N ARG B 230 -28.23 -22.17 6.37
CA ARG B 230 -28.20 -23.16 5.29
C ARG B 230 -28.99 -22.67 4.05
N GLU B 231 -30.23 -22.17 4.25
CA GLU B 231 -31.10 -21.69 3.19
C GLU B 231 -30.61 -20.33 2.68
N ARG B 232 -29.92 -19.59 3.55
CA ARG B 232 -29.34 -18.27 3.29
C ARG B 232 -28.19 -18.35 2.28
N ILE B 233 -27.29 -19.35 2.43
CA ILE B 233 -26.19 -19.62 1.49
C ILE B 233 -26.79 -20.03 0.14
N ALA B 234 -27.79 -20.90 0.17
CA ALA B 234 -28.51 -21.40 -1.01
C ALA B 234 -29.11 -20.26 -1.83
N ASN B 235 -29.51 -19.14 -1.18
CA ASN B 235 -30.11 -17.99 -1.88
C ASN B 235 -29.15 -16.82 -2.13
N THR B 236 -27.85 -17.03 -1.89
CA THR B 236 -26.82 -16.02 -2.12
C THR B 236 -26.26 -16.17 -3.54
N SER B 237 -26.08 -15.05 -4.26
CA SER B 237 -25.52 -15.13 -5.60
C SER B 237 -23.99 -15.00 -5.59
N VAL B 238 -23.44 -14.20 -4.63
CA VAL B 238 -22.00 -14.06 -4.47
C VAL B 238 -21.60 -14.30 -3.01
N ILE B 239 -20.87 -15.40 -2.78
CA ILE B 239 -20.32 -15.75 -1.48
C ILE B 239 -18.83 -15.37 -1.53
N PHE B 240 -18.35 -14.70 -0.49
CA PHE B 240 -16.95 -14.31 -0.32
C PHE B 240 -16.46 -15.02 0.95
N VAL B 241 -15.42 -15.83 0.85
CA VAL B 241 -14.95 -16.51 2.05
C VAL B 241 -13.44 -16.64 2.06
N ASN B 242 -12.79 -16.08 3.09
CA ASN B 242 -11.37 -16.26 3.30
C ASN B 242 -11.30 -17.56 4.14
N ASN B 243 -11.13 -18.69 3.44
CA ASN B 243 -11.10 -20.04 3.98
C ASN B 243 -9.65 -20.56 4.13
N PHE B 244 -8.66 -19.65 4.10
CA PHE B 244 -7.26 -20.05 4.20
C PHE B 244 -6.93 -20.88 5.47
N ALA B 245 -7.50 -20.50 6.62
CA ALA B 245 -7.24 -21.19 7.88
C ALA B 245 -8.29 -22.25 8.27
N PHE B 246 -9.33 -22.42 7.45
CA PHE B 246 -10.41 -23.38 7.71
C PHE B 246 -9.98 -24.83 7.77
N GLY B 247 -10.51 -25.54 8.76
CA GLY B 247 -10.25 -26.96 8.97
C GLY B 247 -10.87 -27.85 7.89
N PRO B 248 -10.70 -29.19 7.98
CA PRO B 248 -11.29 -30.05 6.93
C PRO B 248 -12.80 -30.21 7.07
N GLU B 249 -13.30 -30.20 8.34
CA GLU B 249 -14.71 -30.33 8.65
C GLU B 249 -15.44 -29.08 8.16
N VAL B 250 -14.92 -27.89 8.49
CA VAL B 250 -15.50 -26.61 8.07
C VAL B 250 -15.57 -26.55 6.54
N ASP B 251 -14.51 -27.01 5.87
CA ASP B 251 -14.41 -27.05 4.41
C ASP B 251 -15.48 -27.97 3.82
N HIS B 252 -15.61 -29.19 4.39
CA HIS B 252 -16.56 -30.20 3.99
C HIS B 252 -18.00 -29.71 4.17
N GLN B 253 -18.29 -29.08 5.32
CA GLN B 253 -19.61 -28.54 5.63
C GLN B 253 -19.97 -27.41 4.67
N LEU B 254 -19.02 -26.52 4.36
CA LEU B 254 -19.21 -25.43 3.41
C LEU B 254 -19.54 -25.95 2.02
N LYS B 255 -18.83 -27.00 1.58
CA LYS B 255 -19.08 -27.63 0.28
C LYS B 255 -20.52 -28.13 0.16
N GLU B 256 -21.07 -28.68 1.27
CA GLU B 256 -22.44 -29.17 1.41
C GLU B 256 -23.44 -28.00 1.23
N ARG B 257 -23.15 -26.83 1.84
CA ARG B 257 -23.98 -25.62 1.76
C ARG B 257 -23.95 -25.08 0.34
N PHE B 258 -22.77 -25.14 -0.29
CA PHE B 258 -22.56 -24.61 -1.64
C PHE B 258 -23.23 -25.44 -2.71
N ALA B 259 -23.48 -26.73 -2.41
CA ALA B 259 -24.14 -27.68 -3.29
C ALA B 259 -25.64 -27.36 -3.46
N ASN B 260 -26.17 -26.47 -2.64
CA ASN B 260 -27.57 -26.05 -2.71
C ASN B 260 -27.74 -24.70 -3.40
N MET B 261 -26.64 -24.10 -3.84
CA MET B 261 -26.65 -22.82 -4.55
C MET B 261 -27.24 -22.94 -5.97
N LYS B 262 -27.75 -21.82 -6.51
CA LYS B 262 -28.39 -21.73 -7.82
C LYS B 262 -27.35 -21.69 -8.95
N GLU B 263 -27.74 -22.06 -10.20
CA GLU B 263 -26.82 -21.99 -11.36
C GLU B 263 -26.35 -20.59 -11.49
N GLY B 264 -25.06 -20.40 -11.74
CA GLY B 264 -24.44 -19.10 -11.88
C GLY B 264 -24.01 -18.46 -10.57
N GLY B 265 -24.32 -19.12 -9.45
CA GLY B 265 -23.91 -18.71 -8.11
C GLY B 265 -22.39 -18.70 -8.07
N ARG B 266 -21.79 -17.71 -7.39
CA ARG B 266 -20.33 -17.54 -7.35
C ARG B 266 -19.76 -17.50 -5.97
N ILE B 267 -18.58 -18.10 -5.82
CA ILE B 267 -17.86 -18.16 -4.55
C ILE B 267 -16.45 -17.69 -4.80
N VAL B 268 -16.07 -16.62 -4.08
CA VAL B 268 -14.75 -16.01 -4.13
C VAL B 268 -14.04 -16.42 -2.83
N SER B 269 -12.89 -17.11 -2.98
CA SER B 269 -12.18 -17.62 -1.81
C SER B 269 -10.69 -17.56 -1.95
N SER B 270 -9.98 -17.73 -0.81
CA SER B 270 -8.51 -17.73 -0.77
C SER B 270 -7.89 -19.09 -1.13
N LYS B 271 -8.57 -20.21 -0.83
CA LYS B 271 -8.10 -21.56 -1.22
C LYS B 271 -9.22 -22.19 -2.07
N PRO B 272 -8.95 -22.88 -3.21
CA PRO B 272 -10.07 -23.44 -3.99
C PRO B 272 -10.84 -24.54 -3.27
N PHE B 273 -12.15 -24.66 -3.53
CA PHE B 273 -12.97 -25.71 -2.94
C PHE B 273 -12.99 -26.97 -3.82
N ALA B 274 -12.49 -26.84 -5.03
CA ALA B 274 -12.43 -27.95 -5.97
C ALA B 274 -11.16 -27.77 -6.79
N PRO B 275 -10.47 -28.87 -7.21
CA PRO B 275 -9.24 -28.70 -7.99
C PRO B 275 -9.47 -27.92 -9.27
N LEU B 276 -8.48 -27.11 -9.66
CA LEU B 276 -8.55 -26.31 -10.87
C LEU B 276 -8.50 -27.18 -12.13
N ASN B 277 -7.98 -28.41 -11.97
CA ASN B 277 -7.78 -29.39 -13.03
C ASN B 277 -8.71 -30.60 -12.86
N PHE B 278 -9.82 -30.44 -12.10
CA PHE B 278 -10.80 -31.49 -11.83
C PHE B 278 -11.30 -32.17 -13.10
N ARG B 279 -11.22 -33.51 -13.13
CA ARG B 279 -11.69 -34.32 -14.24
C ARG B 279 -12.66 -35.38 -13.70
N ILE B 280 -13.95 -35.23 -14.06
CA ILE B 280 -15.05 -36.09 -13.64
C ILE B 280 -14.84 -37.54 -14.07
N ASN B 281 -15.01 -38.44 -13.11
CA ASN B 281 -14.87 -39.89 -13.30
C ASN B 281 -15.84 -40.62 -12.38
N SER B 282 -15.87 -41.97 -12.47
CA SER B 282 -16.74 -42.81 -11.66
C SER B 282 -16.42 -42.74 -10.15
N ARG B 283 -15.13 -42.55 -9.80
CA ARG B 283 -14.67 -42.51 -8.42
C ARG B 283 -14.82 -41.12 -7.73
N ASN B 284 -14.96 -40.02 -8.50
CA ASN B 284 -15.10 -38.69 -7.90
C ASN B 284 -16.41 -37.97 -8.30
N LEU B 285 -17.56 -38.68 -8.23
CA LEU B 285 -18.89 -38.13 -8.53
C LEU B 285 -19.53 -37.39 -7.34
N SER B 286 -19.02 -37.66 -6.14
CA SER B 286 -19.51 -37.07 -4.89
C SER B 286 -18.89 -35.70 -4.68
N ASP B 287 -17.71 -35.48 -5.28
CA ASP B 287 -16.92 -34.25 -5.22
C ASP B 287 -17.67 -33.01 -5.72
N ILE B 288 -17.47 -31.86 -5.06
CA ILE B 288 -18.11 -30.59 -5.46
C ILE B 288 -17.65 -30.09 -6.85
N GLY B 289 -16.49 -30.55 -7.29
CA GLY B 289 -15.94 -30.23 -8.61
C GLY B 289 -16.82 -30.64 -9.77
N THR B 290 -17.83 -31.49 -9.50
CA THR B 290 -18.77 -32.01 -10.51
C THR B 290 -19.86 -30.99 -10.83
N ILE B 291 -20.03 -29.97 -9.99
CA ILE B 291 -21.09 -28.98 -10.14
C ILE B 291 -20.56 -27.54 -10.13
N MET B 292 -19.23 -27.35 -10.24
CA MET B 292 -18.67 -26.00 -10.28
C MET B 292 -17.39 -25.88 -11.09
N ARG B 293 -17.27 -24.75 -11.81
CA ARG B 293 -16.07 -24.33 -12.56
C ARG B 293 -15.19 -23.52 -11.57
N VAL B 294 -13.87 -23.65 -11.65
CA VAL B 294 -12.91 -22.99 -10.75
C VAL B 294 -11.83 -22.31 -11.55
N VAL B 295 -11.57 -21.04 -11.26
CA VAL B 295 -10.51 -20.29 -11.93
C VAL B 295 -9.67 -19.55 -10.90
N GLU B 296 -8.38 -19.40 -11.17
CA GLU B 296 -7.49 -18.64 -10.31
C GLU B 296 -7.42 -17.26 -10.90
N LEU B 297 -7.64 -16.26 -10.06
CA LEU B 297 -7.56 -14.90 -10.47
C LEU B 297 -6.40 -14.27 -9.74
N SER B 298 -5.39 -13.85 -10.49
CA SER B 298 -4.19 -13.24 -9.93
C SER B 298 -4.03 -11.85 -10.52
N PRO B 299 -4.06 -10.77 -9.71
CA PRO B 299 -3.84 -9.42 -10.26
C PRO B 299 -2.53 -9.23 -11.06
N LEU B 300 -1.52 -10.11 -10.87
CA LEU B 300 -0.27 -10.09 -11.60
C LEU B 300 -0.46 -10.45 -13.07
N LYS B 301 -1.52 -11.24 -13.39
CA LYS B 301 -1.89 -11.62 -14.75
C LYS B 301 -2.94 -10.65 -15.33
N SER B 305 0.47 -3.11 -14.13
CA SER B 305 -0.57 -2.41 -13.35
C SER B 305 -0.44 -2.70 -11.83
N TRP B 306 -0.42 -4.02 -11.46
CA TRP B 306 -0.31 -4.48 -10.08
C TRP B 306 1.12 -4.55 -9.60
N THR B 307 1.45 -3.79 -8.54
CA THR B 307 2.81 -3.83 -8.00
C THR B 307 2.87 -4.31 -6.53
N GLY B 308 1.78 -4.91 -6.05
CA GLY B 308 1.69 -5.39 -4.67
C GLY B 308 2.18 -6.81 -4.49
N LYS B 309 1.71 -7.45 -3.40
CA LYS B 309 2.07 -8.85 -3.09
C LYS B 309 1.62 -9.79 -4.18
N PRO B 310 2.41 -10.85 -4.44
CA PRO B 310 2.00 -11.84 -5.46
C PRO B 310 0.87 -12.75 -4.94
N VAL B 311 -0.33 -12.22 -4.88
CA VAL B 311 -1.53 -12.86 -4.36
C VAL B 311 -2.47 -13.35 -5.46
N SER B 312 -3.40 -14.25 -5.06
CA SER B 312 -4.40 -14.88 -5.89
C SER B 312 -5.65 -15.18 -5.10
N TYR B 313 -6.77 -15.20 -5.78
CA TYR B 313 -8.01 -15.64 -5.21
C TYR B 313 -8.64 -16.58 -6.23
N TYR B 314 -9.69 -17.26 -5.81
CA TYR B 314 -10.33 -18.28 -6.61
C TYR B 314 -11.77 -17.97 -6.82
N LEU B 315 -12.20 -18.05 -8.08
CA LEU B 315 -13.59 -17.85 -8.43
C LEU B 315 -14.23 -19.17 -8.85
N HIS B 316 -15.26 -19.58 -8.08
CA HIS B 316 -16.05 -20.77 -8.34
C HIS B 316 -17.42 -20.33 -8.89
N THR B 317 -17.94 -21.07 -9.88
CA THR B 317 -19.24 -20.78 -10.48
C THR B 317 -20.07 -22.05 -10.55
N ILE B 318 -21.27 -22.04 -9.92
CA ILE B 318 -22.16 -23.20 -9.95
C ILE B 318 -22.56 -23.48 -11.41
N ASP B 319 -22.17 -24.67 -11.89
CA ASP B 319 -22.42 -25.16 -13.24
C ASP B 319 -22.67 -26.66 -13.19
N ARG B 320 -23.95 -27.05 -13.15
CA ARG B 320 -24.36 -28.44 -13.05
C ARG B 320 -24.29 -29.17 -14.38
N THR B 321 -23.95 -28.46 -15.48
CA THR B 321 -23.79 -29.10 -16.80
C THR B 321 -22.56 -30.01 -16.81
N ILE B 322 -21.56 -29.74 -15.94
CA ILE B 322 -20.38 -30.60 -15.78
C ILE B 322 -20.85 -32.02 -15.48
N LEU B 323 -21.78 -32.15 -14.50
CA LEU B 323 -22.39 -33.41 -14.08
C LEU B 323 -23.35 -33.95 -15.13
N GLU B 324 -24.22 -33.09 -15.71
CA GLU B 324 -25.23 -33.42 -16.73
C GLU B 324 -24.61 -34.08 -17.95
N ASN B 325 -23.41 -33.59 -18.36
CA ASN B 325 -22.66 -34.08 -19.52
C ASN B 325 -22.04 -35.44 -19.28
N TYR B 326 -21.51 -35.67 -18.05
CA TYR B 326 -20.91 -36.96 -17.68
C TYR B 326 -21.96 -38.07 -17.77
N PHE B 327 -23.20 -37.81 -17.29
CA PHE B 327 -24.31 -38.76 -17.31
C PHE B 327 -24.83 -39.03 -18.71
N SER B 328 -24.93 -37.97 -19.55
CA SER B 328 -25.35 -38.14 -20.95
C SER B 328 -24.32 -38.94 -21.73
N SER B 329 -23.01 -38.77 -21.41
CA SER B 329 -21.91 -39.50 -22.03
C SER B 329 -21.94 -41.00 -21.67
N LEU B 330 -22.38 -41.35 -20.44
CA LEU B 330 -22.49 -42.75 -20.01
C LEU B 330 -23.67 -43.43 -20.69
N LYS B 331 -24.76 -42.67 -20.90
CA LYS B 331 -26.01 -43.14 -21.51
C LYS B 331 -25.97 -43.22 -23.06
N ASN B 332 -24.75 -43.15 -23.65
CA ASN B 332 -24.49 -43.25 -25.09
C ASN B 332 -23.43 -44.32 -25.40
#